data_7XZY
#
_entry.id   7XZY
#
loop_
_entity.id
_entity.type
_entity.pdbx_description
1 polymer 'Histone H3.1'
2 polymer 'Histone H4'
3 polymer 'Histone H2A type 1-B/E'
4 polymer 'Histone H2B type 1-J'
5 polymer 'DNA (193-MER)'
6 polymer 'DNA (193-MER)'
#
loop_
_entity_poly.entity_id
_entity_poly.type
_entity_poly.pdbx_seq_one_letter_code
_entity_poly.pdbx_strand_id
1 'polypeptide(L)'
;GSHMARTKQTARKSTGGKAPRKQLATKAARKSAPATGGVKKPHRYRPGTVALREIRRYQKSTELLIRKLPFQRLVREIAQ
DFKTDLRFQSSAVMALQEACEAYLVGLFEDTNLCAIHAKRVTIMPKDIQLARRIRGERA
;
A,E
2 'polypeptide(L)'
;GSHMSGRGKGGKGLGKGGAKRHRKVLRDNIQGITKPAIRRLARRGGVKRISGLIYEETRGVLKVFLENVIRDAVTYTEHA
KRKTVTAMDVVYALKRQGRTLYGFGG
;
B,F
3 'polypeptide(L)'
;GSHMSGRGKQGGKARAKAKTRSSRAGLQFPVGRVHRLLRKGNYSERVGAGAPVYLAAVLEYLTAEILELAGNAARDNKKT
RIIPRHLQLAIRNDEELNKLLGRVTIAQGGVLPNIQAVLLPKKTESHHKAKGK
;
C,G
4 'polypeptide(L)'
;GSHMPEPAKSAPAPKKGSKKAVTKAQKKDGKKRKRSRKESYSIYVYKVLKQVHPDTGISSKAMGIMNSFVNDIFERIAGE
ASRLAHYNKRSTITSREIQTAVRLLLPGELAKHAVSEGTKAVTKYTSAK
;
D,H
5 'polydeoxyribonucleotide'
;(DA)(DT)(DC)(DG)(DG)(DA)(DC)(DC)(DC)(DT)(DA)(DT)(DC)(DG)(DC)(DG)(DA)(DG)(DC)(DC)
(DA)(DG)(DG)(DC)(DC)(DT)(DG)(DA)(DG)(DA)(DA)(DT)(DC)(DC)(DG)(DG)(DT)(DG)(DC)(DC)
(DG)(DA)(DG)(DG)(DC)(DC)(DG)(DC)(DT)(DC)(DA)(DA)(DT)(DT)(DG)(DG)(DT)(DC)(DG)(DT)
(DA)(DG)(DA)(DC)(DA)(DG)(DC)(DT)(DC)(DT)(DA)(DG)(DC)(DA)(DC)(DC)(DG)(DC)(DT)(DT)
(DA)(DA)(DA)(DC)(DG)(DC)(DA)(DC)(DG)(DT)(DA)(DC)(DG)(DC)(DG)(DC)(DT)(DG)(DT)(DC)
(DC)(DC)(DC)(DC)(DG)(DC)(DG)(DT)(DT)(DT)(DT)(DA)(DA)(DC)(DC)(DG)(DC)(DC)(DA)(DA)
(DG)(DG)(DG)(DG)(DA)(DT)(DT)(DA)(DC)(DT)(DC)(DC)(DC)(DT)(DA)(DG)(DT)(DC)(DT)(DC)
(DC)(DA)(DG)(DG)(DC)(DA)(DC)(DG)(DT)(DG)(DT)(DC)(DA)(DG)(DA)(DT)(DA)(DT)(DA)(DG)
(DG)(DG)(DC)(DA)(DT)(DG)(DT)(DC)(DC)(DG)(DG)(DG)(DC)(DA)(DT)(DG)(DT)(DC)(DC)(DC)
(DG)(DA)(DA)(DA)(DT)(DT)(DC)(DA)(DT)(DA)(DG)(DA)(DT)
;
I
6 'polydeoxyribonucleotide'
;(DA)(DT)(DC)(DT)(DA)(DT)(DG)(DA)(DA)(DT)(DT)(DT)(DC)(DG)(DG)(DG)(DA)(DC)(DA)(DT)
(DG)(DC)(DC)(DC)(DG)(DG)(DA)(DC)(DA)(DT)(DG)(DC)(DC)(DC)(DT)(DA)(DT)(DA)(DT)(DC)
(DT)(DG)(DA)(DC)(DA)(DC)(DG)(DT)(DG)(DC)(DC)(DT)(DG)(DG)(DA)(DG)(DA)(DC)(DT)(DA)
(DG)(DG)(DG)(DA)(DG)(DT)(DA)(DA)(DT)(DC)(DC)(DC)(DC)(DT)(DT)(DG)(DG)(DC)(DG)(DG)
(DT)(DT)(DA)(DA)(DA)(DA)(DC)(DG)(DC)(DG)(DG)(DG)(DG)(DG)(DA)(DC)(DA)(DG)(DC)(DG)
(DC)(DG)(DT)(DA)(DC)(DG)(DT)(DG)(DC)(DG)(DT)(DT)(DT)(DA)(DA)(DG)(DC)(DG)(DG)(DT)
(DG)(DC)(DT)(DA)(DG)(DA)(DG)(DC)(DT)(DG)(DT)(DC)(DT)(DA)(DC)(DG)(DA)(DC)(DC)(DA)
(DA)(DT)(DT)(DG)(DA)(DG)(DC)(DG)(DG)(DC)(DC)(DT)(DC)(DG)(DG)(DC)(DA)(DC)(DC)(DG)
(DG)(DA)(DT)(DT)(DC)(DT)(DC)(DA)(DG)(DG)(DC)(DC)(DT)(DG)(DG)(DC)(DT)(DC)(DG)(DC)
(DG)(DA)(DT)(DA)(DG)(DG)(DG)(DT)(DC)(DC)(DG)(DA)(DT)
;
J
#
# COMPACT_ATOMS: atom_id res chain seq x y z
N PRO A 42 -50.56 -23.34 5.59
CA PRO A 42 -49.96 -23.20 6.91
C PRO A 42 -49.36 -21.82 7.14
N HIS A 43 -48.34 -21.74 7.97
CA HIS A 43 -47.68 -20.47 8.27
C HIS A 43 -46.57 -20.21 7.27
N ARG A 44 -46.40 -18.94 6.91
CA ARG A 44 -45.36 -18.54 5.97
C ARG A 44 -44.85 -17.16 6.39
N TYR A 45 -43.54 -17.05 6.53
CA TYR A 45 -42.92 -15.80 6.93
C TYR A 45 -42.94 -14.80 5.77
N ARG A 46 -43.02 -13.51 6.12
CA ARG A 46 -42.97 -12.47 5.11
C ARG A 46 -41.59 -12.41 4.48
N PRO A 47 -41.50 -12.13 3.18
CA PRO A 47 -40.18 -11.96 2.55
C PRO A 47 -39.40 -10.83 3.22
N GLY A 48 -38.21 -11.18 3.74
CA GLY A 48 -37.35 -10.20 4.36
C GLY A 48 -37.02 -10.47 5.82
N THR A 49 -37.98 -11.00 6.58
CA THR A 49 -37.74 -11.29 7.99
C THR A 49 -36.67 -12.37 8.16
N VAL A 50 -36.75 -13.44 7.37
CA VAL A 50 -35.82 -14.55 7.53
C VAL A 50 -34.44 -14.17 6.99
N ALA A 51 -34.37 -13.36 5.93
CA ALA A 51 -33.08 -12.87 5.46
C ALA A 51 -32.38 -12.09 6.57
N LEU A 52 -33.10 -11.16 7.20
CA LEU A 52 -32.52 -10.40 8.31
C LEU A 52 -32.13 -11.30 9.48
N ARG A 53 -32.98 -12.28 9.81
CA ARG A 53 -32.63 -13.22 10.87
C ARG A 53 -31.32 -13.94 10.56
N GLU A 54 -31.13 -14.37 9.31
CA GLU A 54 -29.89 -15.05 8.96
C GLU A 54 -28.71 -14.08 9.01
N ILE A 55 -28.92 -12.83 8.60
CA ILE A 55 -27.85 -11.84 8.68
C ILE A 55 -27.40 -11.68 10.13
N ARG A 56 -28.36 -11.48 11.03
CA ARG A 56 -28.01 -11.34 12.45
C ARG A 56 -27.33 -12.60 12.98
N ARG A 57 -27.87 -13.77 12.65
CA ARG A 57 -27.29 -15.03 13.09
C ARG A 57 -25.83 -15.16 12.68
N TYR A 58 -25.55 -14.95 11.39
CA TYR A 58 -24.19 -15.20 10.90
C TYR A 58 -23.23 -14.05 11.20
N GLN A 59 -23.74 -12.85 11.48
CA GLN A 59 -22.87 -11.77 11.92
C GLN A 59 -22.59 -11.83 13.41
N LYS A 60 -23.42 -12.53 14.18
CA LYS A 60 -23.17 -12.68 15.61
C LYS A 60 -22.09 -13.71 15.92
N SER A 61 -21.99 -14.77 15.12
CA SER A 61 -21.10 -15.88 15.40
C SER A 61 -19.87 -15.83 14.48
N THR A 62 -18.97 -16.80 14.66
CA THR A 62 -17.66 -16.73 14.03
C THR A 62 -17.21 -18.00 13.30
N GLU A 63 -18.04 -19.04 13.21
CA GLU A 63 -17.60 -20.25 12.55
C GLU A 63 -17.41 -20.00 11.06
N LEU A 64 -16.51 -20.77 10.46
CA LEU A 64 -16.28 -20.63 9.03
C LEU A 64 -17.53 -21.04 8.25
N LEU A 65 -17.81 -20.29 7.18
CA LEU A 65 -19.02 -20.50 6.40
C LEU A 65 -18.78 -21.20 5.07
N ILE A 66 -17.54 -21.26 4.60
CA ILE A 66 -17.21 -21.93 3.36
C ILE A 66 -16.77 -23.34 3.69
N ARG A 67 -17.25 -24.32 2.93
CA ARG A 67 -16.92 -25.71 3.20
C ARG A 67 -15.43 -25.97 2.98
N LYS A 68 -14.83 -26.72 3.90
CA LYS A 68 -13.40 -26.98 3.87
C LYS A 68 -13.00 -27.77 2.63
N LEU A 69 -13.64 -28.92 2.41
CA LEU A 69 -13.19 -29.86 1.38
C LEU A 69 -13.30 -29.31 -0.04
N PRO A 70 -14.40 -28.66 -0.46
CA PRO A 70 -14.39 -28.09 -1.83
C PRO A 70 -13.35 -27.01 -2.00
N PHE A 71 -13.11 -26.21 -0.95
CA PHE A 71 -12.07 -25.20 -1.01
C PHE A 71 -10.69 -25.83 -1.21
N GLN A 72 -10.40 -26.88 -0.42
CA GLN A 72 -9.13 -27.59 -0.57
C GLN A 72 -8.98 -28.16 -1.97
N ARG A 73 -10.04 -28.78 -2.49
CA ARG A 73 -10.01 -29.35 -3.84
C ARG A 73 -9.73 -28.27 -4.88
N LEU A 74 -10.39 -27.12 -4.74
CA LEU A 74 -10.16 -25.99 -5.65
C LEU A 74 -8.69 -25.56 -5.59
N VAL A 75 -8.17 -25.45 -4.37
CA VAL A 75 -6.78 -25.05 -4.18
C VAL A 75 -5.87 -26.03 -4.90
N ARG A 76 -6.14 -27.32 -4.77
CA ARG A 76 -5.29 -28.30 -5.43
C ARG A 76 -5.39 -28.19 -6.95
N GLU A 77 -6.59 -27.97 -7.48
CA GLU A 77 -6.70 -27.81 -8.93
C GLU A 77 -5.87 -26.65 -9.42
N ILE A 78 -6.03 -25.48 -8.79
CA ILE A 78 -5.27 -24.32 -9.23
C ILE A 78 -3.78 -24.55 -9.07
N ALA A 79 -3.35 -25.15 -7.95
CA ALA A 79 -1.93 -25.40 -7.74
C ALA A 79 -1.37 -26.31 -8.82
N GLN A 80 -2.18 -27.25 -9.31
CA GLN A 80 -1.70 -28.23 -10.30
C GLN A 80 -1.20 -27.54 -11.58
N ASP A 81 -1.84 -26.43 -11.97
CA ASP A 81 -1.49 -25.74 -13.20
C ASP A 81 -0.29 -24.80 -13.06
N PHE A 82 0.22 -24.58 -11.86
CA PHE A 82 1.40 -23.75 -11.65
C PHE A 82 2.63 -24.56 -11.30
N LYS A 83 2.50 -25.54 -10.41
CA LYS A 83 3.59 -26.45 -10.09
C LYS A 83 3.00 -27.80 -9.73
N THR A 84 3.66 -28.86 -10.20
CA THR A 84 3.15 -30.21 -10.02
C THR A 84 3.21 -30.66 -8.56
N ASP A 85 2.41 -31.69 -8.26
CA ASP A 85 2.37 -32.47 -7.02
C ASP A 85 2.68 -31.65 -5.76
N LEU A 86 1.98 -30.53 -5.59
CA LEU A 86 2.13 -29.73 -4.39
C LEU A 86 1.49 -30.41 -3.19
N ARG A 87 2.11 -30.25 -2.02
CA ARG A 87 1.52 -30.64 -0.75
C ARG A 87 1.23 -29.39 0.07
N PHE A 88 0.12 -29.41 0.81
CA PHE A 88 -0.35 -28.24 1.53
C PHE A 88 -0.54 -28.57 3.00
N GLN A 89 -0.07 -27.68 3.87
CA GLN A 89 -0.30 -27.82 5.31
C GLN A 89 -1.77 -27.57 5.64
N SER A 90 -2.23 -28.21 6.71
CA SER A 90 -3.59 -27.94 7.20
C SER A 90 -3.77 -26.46 7.52
N SER A 91 -2.82 -25.89 8.27
CA SER A 91 -2.96 -24.48 8.61
C SER A 91 -2.83 -23.59 7.38
N ALA A 92 -2.22 -24.10 6.30
CA ALA A 92 -2.15 -23.32 5.07
C ALA A 92 -3.51 -23.23 4.38
N VAL A 93 -4.25 -24.34 4.34
CA VAL A 93 -5.57 -24.30 3.72
C VAL A 93 -6.51 -23.48 4.60
N MET A 94 -6.40 -23.62 5.92
CA MET A 94 -7.23 -22.80 6.80
C MET A 94 -6.90 -21.32 6.63
N ALA A 95 -5.63 -20.98 6.39
CA ALA A 95 -5.25 -19.60 6.15
C ALA A 95 -5.89 -19.07 4.86
N LEU A 96 -5.79 -19.86 3.79
CA LEU A 96 -6.42 -19.44 2.53
C LEU A 96 -7.91 -19.26 2.70
N GLN A 97 -8.54 -20.12 3.52
CA GLN A 97 -10.00 -20.04 3.67
C GLN A 97 -10.40 -18.81 4.48
N GLU A 98 -9.67 -18.53 5.57
CA GLU A 98 -9.94 -17.32 6.34
C GLU A 98 -9.77 -16.07 5.48
N ALA A 99 -8.68 -16.02 4.69
CA ALA A 99 -8.44 -14.85 3.84
C ALA A 99 -9.54 -14.71 2.79
N CYS A 100 -9.95 -15.82 2.17
CA CYS A 100 -10.96 -15.75 1.13
C CYS A 100 -12.29 -15.29 1.72
N GLU A 101 -12.66 -15.82 2.88
CA GLU A 101 -13.96 -15.45 3.45
C GLU A 101 -13.96 -13.98 3.87
N ALA A 102 -12.86 -13.49 4.46
CA ALA A 102 -12.79 -12.07 4.79
C ALA A 102 -12.88 -11.19 3.54
N TYR A 103 -12.19 -11.58 2.47
CA TYR A 103 -12.21 -10.79 1.24
C TYR A 103 -13.62 -10.74 0.65
N LEU A 104 -14.28 -11.90 0.57
CA LEU A 104 -15.62 -11.93 0.00
C LEU A 104 -16.62 -11.18 0.87
N VAL A 105 -16.52 -11.30 2.19
CA VAL A 105 -17.42 -10.55 3.07
C VAL A 105 -17.26 -9.05 2.84
N GLY A 106 -16.01 -8.58 2.76
CA GLY A 106 -15.81 -7.16 2.49
C GLY A 106 -16.34 -6.72 1.14
N LEU A 107 -16.10 -7.54 0.10
CA LEU A 107 -16.62 -7.20 -1.23
C LEU A 107 -18.14 -7.16 -1.24
N PHE A 108 -18.79 -8.07 -0.51
CA PHE A 108 -20.25 -8.05 -0.46
C PHE A 108 -20.77 -6.87 0.34
N GLU A 109 -20.05 -6.45 1.38
CA GLU A 109 -20.41 -5.22 2.08
C GLU A 109 -20.38 -4.03 1.13
N ASP A 110 -19.31 -3.90 0.36
CA ASP A 110 -19.20 -2.75 -0.54
C ASP A 110 -20.26 -2.82 -1.64
N THR A 111 -20.49 -4.02 -2.20
CA THR A 111 -21.56 -4.21 -3.18
C THR A 111 -22.92 -3.79 -2.62
N ASN A 112 -23.22 -4.19 -1.38
CA ASN A 112 -24.48 -3.78 -0.78
C ASN A 112 -24.56 -2.27 -0.62
N LEU A 113 -23.46 -1.64 -0.20
CA LEU A 113 -23.47 -0.19 -0.06
C LEU A 113 -23.68 0.52 -1.40
N CYS A 114 -23.08 0.02 -2.48
CA CYS A 114 -23.29 0.66 -3.78
C CYS A 114 -24.72 0.43 -4.27
N ALA A 115 -25.26 -0.77 -4.06
CA ALA A 115 -26.64 -1.04 -4.45
C ALA A 115 -27.61 -0.13 -3.71
N ILE A 116 -27.48 -0.03 -2.38
CA ILE A 116 -28.38 0.84 -1.65
C ILE A 116 -28.19 2.29 -2.11
N HIS A 117 -26.95 2.69 -2.40
CA HIS A 117 -26.71 4.02 -2.94
C HIS A 117 -27.52 4.26 -4.20
N ALA A 118 -27.68 3.21 -5.02
CA ALA A 118 -28.46 3.30 -6.23
C ALA A 118 -29.95 3.06 -5.98
N LYS A 119 -30.40 3.22 -4.74
CA LYS A 119 -31.79 3.00 -4.34
C LYS A 119 -32.24 1.58 -4.66
N ARG A 120 -31.30 0.63 -4.59
CA ARG A 120 -31.56 -0.77 -4.84
C ARG A 120 -31.31 -1.58 -3.58
N VAL A 121 -31.86 -2.80 -3.54
CA VAL A 121 -31.56 -3.78 -2.52
C VAL A 121 -30.93 -5.03 -3.11
N THR A 122 -31.36 -5.43 -4.31
CA THR A 122 -30.80 -6.60 -4.96
C THR A 122 -29.43 -6.27 -5.54
N ILE A 123 -28.45 -7.12 -5.25
CA ILE A 123 -27.11 -6.94 -5.80
C ILE A 123 -27.09 -7.50 -7.22
N MET A 124 -26.38 -6.82 -8.11
CA MET A 124 -26.29 -7.18 -9.51
C MET A 124 -24.83 -7.39 -9.90
N PRO A 125 -24.57 -8.13 -10.99
CA PRO A 125 -23.18 -8.25 -11.46
C PRO A 125 -22.53 -6.90 -11.69
N LYS A 126 -23.26 -5.93 -12.23
CA LYS A 126 -22.68 -4.61 -12.44
C LYS A 126 -22.29 -3.97 -11.11
N ASP A 127 -22.97 -4.32 -10.02
CA ASP A 127 -22.58 -3.83 -8.71
C ASP A 127 -21.23 -4.40 -8.30
N ILE A 128 -21.04 -5.70 -8.49
CA ILE A 128 -19.75 -6.32 -8.20
C ILE A 128 -18.66 -5.66 -9.03
N GLN A 129 -18.93 -5.44 -10.32
CA GLN A 129 -17.93 -4.87 -11.20
C GLN A 129 -17.59 -3.44 -10.81
N LEU A 130 -18.60 -2.67 -10.39
CA LEU A 130 -18.34 -1.30 -9.94
C LEU A 130 -17.50 -1.30 -8.67
N ALA A 131 -17.85 -2.17 -7.71
CA ALA A 131 -17.10 -2.22 -6.46
C ALA A 131 -15.65 -2.57 -6.74
N ARG A 132 -15.41 -3.55 -7.60
CA ARG A 132 -14.04 -3.96 -7.87
C ARG A 132 -13.27 -2.93 -8.68
N ARG A 133 -13.95 -2.23 -9.61
CA ARG A 133 -13.29 -1.17 -10.35
C ARG A 133 -12.90 -0.01 -9.44
N ILE A 134 -13.80 0.39 -8.54
CA ILE A 134 -13.48 1.53 -7.67
C ILE A 134 -12.45 1.15 -6.62
N ARG A 135 -12.45 -0.11 -6.16
CA ARG A 135 -11.41 -0.56 -5.25
C ARG A 135 -10.03 -0.56 -5.90
N GLY A 136 -9.96 -0.59 -7.22
CA GLY A 136 -8.70 -0.50 -7.94
C GLY A 136 -8.08 -1.83 -8.30
N GLU A 137 -8.78 -2.94 -8.10
CA GLU A 137 -8.28 -4.24 -8.54
C GLU A 137 -8.79 -4.64 -9.92
N ARG A 138 -9.83 -3.98 -10.43
CA ARG A 138 -10.38 -4.29 -11.74
C ARG A 138 -9.97 -3.24 -12.76
N VAL B 25 -5.45 -36.06 -11.11
CA VAL B 25 -5.68 -34.65 -11.36
C VAL B 25 -7.14 -34.30 -11.08
N LEU B 26 -7.36 -33.47 -10.07
CA LEU B 26 -8.72 -33.06 -9.74
C LEU B 26 -9.30 -32.21 -10.86
N ARG B 27 -10.54 -32.49 -11.23
CA ARG B 27 -11.17 -31.84 -12.38
C ARG B 27 -12.60 -31.43 -12.01
N ASP B 28 -12.97 -30.22 -12.41
CA ASP B 28 -14.33 -29.71 -12.24
C ASP B 28 -14.80 -29.77 -10.79
N ASN B 29 -13.91 -29.40 -9.87
CA ASN B 29 -14.30 -29.15 -8.49
C ASN B 29 -14.80 -27.73 -8.28
N ILE B 30 -14.78 -26.90 -9.32
CA ILE B 30 -15.34 -25.56 -9.23
C ILE B 30 -16.80 -25.58 -8.81
N GLN B 31 -17.52 -26.67 -9.06
CA GLN B 31 -18.92 -26.75 -8.67
C GLN B 31 -19.08 -26.98 -7.17
N GLY B 32 -17.99 -27.27 -6.46
CA GLY B 32 -18.02 -27.42 -5.02
C GLY B 32 -18.18 -26.11 -4.26
N ILE B 33 -17.84 -24.98 -4.87
CA ILE B 33 -18.09 -23.70 -4.23
C ILE B 33 -19.56 -23.37 -4.41
N THR B 34 -20.37 -23.75 -3.43
CA THR B 34 -21.80 -23.83 -3.58
C THR B 34 -22.46 -22.46 -3.51
N LYS B 35 -23.67 -22.40 -4.08
CA LYS B 35 -24.50 -21.20 -4.00
C LYS B 35 -24.87 -20.81 -2.57
N PRO B 36 -25.34 -21.71 -1.70
CA PRO B 36 -25.67 -21.28 -0.33
C PRO B 36 -24.47 -20.81 0.46
N ALA B 37 -23.28 -21.31 0.16
CA ALA B 37 -22.09 -20.84 0.86
C ALA B 37 -21.84 -19.38 0.53
N ILE B 38 -21.97 -19.03 -0.75
CA ILE B 38 -21.80 -17.65 -1.18
C ILE B 38 -22.90 -16.80 -0.55
N ARG B 39 -24.12 -17.34 -0.45
CA ARG B 39 -25.18 -16.63 0.25
C ARG B 39 -24.81 -16.35 1.70
N ARG B 40 -24.22 -17.32 2.38
CA ARG B 40 -23.85 -17.11 3.80
C ARG B 40 -22.75 -16.04 3.85
N LEU B 41 -21.74 -16.10 2.96
CA LEU B 41 -20.72 -15.07 2.91
C LEU B 41 -21.34 -13.69 2.74
N ALA B 42 -22.36 -13.59 1.89
CA ALA B 42 -23.03 -12.30 1.67
C ALA B 42 -23.79 -11.86 2.92
N ARG B 43 -24.43 -12.82 3.60
CA ARG B 43 -25.09 -12.54 4.88
C ARG B 43 -24.12 -11.95 5.90
N ARG B 44 -22.94 -12.54 6.02
CA ARG B 44 -21.94 -11.97 6.93
C ARG B 44 -21.51 -10.58 6.51
N GLY B 45 -21.54 -10.28 5.21
CA GLY B 45 -21.24 -8.96 4.73
C GLY B 45 -22.37 -7.96 4.82
N GLY B 46 -23.54 -8.37 5.30
CA GLY B 46 -24.66 -7.47 5.45
C GLY B 46 -25.59 -7.40 4.25
N VAL B 47 -25.48 -8.32 3.31
CA VAL B 47 -26.30 -8.31 2.11
C VAL B 47 -27.62 -9.00 2.42
N LYS B 48 -28.73 -8.35 2.07
CA LYS B 48 -30.05 -8.88 2.37
C LYS B 48 -30.64 -9.70 1.23
N ARG B 49 -30.31 -9.35 -0.02
CA ARG B 49 -30.86 -10.02 -1.18
C ARG B 49 -29.74 -10.23 -2.21
N ILE B 50 -29.70 -11.42 -2.81
CA ILE B 50 -28.62 -11.81 -3.70
C ILE B 50 -29.24 -12.31 -5.00
N SER B 51 -28.83 -11.71 -6.12
CA SER B 51 -29.28 -12.18 -7.42
C SER B 51 -28.71 -13.55 -7.74
N GLY B 52 -29.49 -14.34 -8.48
CA GLY B 52 -29.03 -15.65 -8.91
C GLY B 52 -27.83 -15.57 -9.84
N LEU B 53 -27.69 -14.47 -10.57
CA LEU B 53 -26.60 -14.35 -11.52
C LEU B 53 -25.28 -13.95 -10.86
N ILE B 54 -25.31 -13.56 -9.58
CA ILE B 54 -24.11 -13.13 -8.86
C ILE B 54 -23.05 -14.24 -8.78
N TYR B 55 -23.50 -15.47 -8.56
CA TYR B 55 -22.62 -16.56 -8.14
C TYR B 55 -21.47 -16.81 -9.11
N GLU B 56 -21.74 -16.92 -10.42
CA GLU B 56 -20.62 -17.18 -11.32
C GLU B 56 -19.58 -16.08 -11.26
N GLU B 57 -20.00 -14.80 -11.18
CA GLU B 57 -18.97 -13.76 -11.09
C GLU B 57 -18.19 -13.96 -9.82
N THR B 58 -18.89 -14.25 -8.72
CA THR B 58 -18.21 -14.43 -7.46
C THR B 58 -17.23 -15.59 -7.59
N ARG B 59 -17.64 -16.65 -8.28
CA ARG B 59 -16.75 -17.80 -8.42
C ARG B 59 -15.52 -17.37 -9.18
N GLY B 60 -15.73 -16.60 -10.26
CA GLY B 60 -14.60 -16.12 -11.03
C GLY B 60 -13.70 -15.28 -10.15
N VAL B 61 -14.32 -14.38 -9.37
CA VAL B 61 -13.54 -13.51 -8.51
C VAL B 61 -12.72 -14.36 -7.55
N LEU B 62 -13.36 -15.39 -6.97
CA LEU B 62 -12.63 -16.20 -6.01
C LEU B 62 -11.45 -16.85 -6.68
N LYS B 63 -11.66 -17.36 -7.90
CA LYS B 63 -10.59 -18.04 -8.61
C LYS B 63 -9.43 -17.08 -8.82
N VAL B 64 -9.75 -15.84 -9.20
CA VAL B 64 -8.72 -14.84 -9.46
C VAL B 64 -7.88 -14.65 -8.22
N PHE B 65 -8.54 -14.51 -7.06
CA PHE B 65 -7.80 -14.31 -5.82
C PHE B 65 -6.80 -15.43 -5.64
N LEU B 66 -7.26 -16.67 -5.81
CA LEU B 66 -6.40 -17.83 -5.57
C LEU B 66 -5.20 -17.78 -6.50
N GLU B 67 -5.42 -17.37 -7.75
CA GLU B 67 -4.37 -17.42 -8.75
C GLU B 67 -3.22 -16.52 -8.34
N ASN B 68 -3.51 -15.40 -7.70
CA ASN B 68 -2.42 -14.54 -7.26
C ASN B 68 -1.70 -15.15 -6.05
N VAL B 69 -2.46 -15.53 -5.03
CA VAL B 69 -1.85 -15.99 -3.78
C VAL B 69 -0.99 -17.22 -4.01
N ILE B 70 -1.51 -18.20 -4.75
CA ILE B 70 -0.77 -19.44 -4.88
C ILE B 70 0.52 -19.21 -5.64
N ARG B 71 0.48 -18.34 -6.67
CA ARG B 71 1.71 -18.04 -7.39
C ARG B 71 2.79 -17.55 -6.44
N ASP B 72 2.45 -16.63 -5.54
CA ASP B 72 3.49 -16.18 -4.63
C ASP B 72 3.89 -17.29 -3.67
N ALA B 73 2.90 -18.02 -3.12
CA ALA B 73 3.21 -19.03 -2.13
C ALA B 73 4.13 -20.10 -2.71
N VAL B 74 3.78 -20.59 -3.90
CA VAL B 74 4.58 -21.66 -4.49
C VAL B 74 5.94 -21.11 -4.85
N THR B 75 6.02 -19.85 -5.27
CA THR B 75 7.32 -19.27 -5.56
C THR B 75 8.20 -19.31 -4.33
N TYR B 76 7.66 -18.89 -3.18
CA TYR B 76 8.44 -18.97 -1.97
C TYR B 76 8.83 -20.41 -1.69
N THR B 77 7.86 -21.32 -1.84
CA THR B 77 8.13 -22.72 -1.59
C THR B 77 9.25 -23.20 -2.50
N GLU B 78 9.22 -22.77 -3.76
CA GLU B 78 10.23 -23.22 -4.71
C GLU B 78 11.58 -22.58 -4.42
N HIS B 79 11.60 -21.32 -4.00
CA HIS B 79 12.87 -20.67 -3.68
C HIS B 79 13.60 -21.35 -2.52
N ALA B 80 12.88 -21.73 -1.47
CA ALA B 80 13.48 -22.30 -0.27
C ALA B 80 13.91 -23.76 -0.47
N LYS B 81 13.91 -24.26 -1.70
CA LYS B 81 14.19 -25.67 -2.00
C LYS B 81 13.26 -26.58 -1.21
N ARG B 82 11.99 -26.18 -1.12
CA ARG B 82 10.93 -26.98 -0.54
C ARG B 82 9.89 -27.24 -1.62
N LYS B 83 9.13 -28.33 -1.46
CA LYS B 83 8.03 -28.61 -2.37
C LYS B 83 6.69 -28.71 -1.66
N THR B 84 6.64 -28.43 -0.35
CA THR B 84 5.41 -28.42 0.42
C THR B 84 5.14 -27.00 0.91
N VAL B 85 3.96 -26.48 0.57
CA VAL B 85 3.59 -25.11 0.96
C VAL B 85 3.33 -25.05 2.46
N THR B 86 3.98 -24.11 3.13
CA THR B 86 3.89 -23.91 4.57
C THR B 86 2.97 -22.74 4.90
N ALA B 87 2.52 -22.70 6.17
CA ALA B 87 1.72 -21.59 6.63
C ALA B 87 2.49 -20.27 6.56
N MET B 88 3.79 -20.30 6.85
CA MET B 88 4.58 -19.07 6.80
C MET B 88 4.68 -18.54 5.37
N ASP B 89 4.81 -19.45 4.41
CA ASP B 89 4.80 -19.05 3.00
C ASP B 89 3.52 -18.29 2.67
N VAL B 90 2.38 -18.81 3.10
CA VAL B 90 1.10 -18.20 2.81
C VAL B 90 0.97 -16.84 3.51
N VAL B 91 1.33 -16.77 4.79
CA VAL B 91 1.24 -15.49 5.49
C VAL B 91 2.12 -14.43 4.82
N TYR B 92 3.35 -14.79 4.44
CA TYR B 92 4.19 -13.83 3.73
C TYR B 92 3.60 -13.42 2.39
N ALA B 93 3.05 -14.38 1.64
CA ALA B 93 2.41 -14.03 0.37
C ALA B 93 1.27 -13.05 0.58
N LEU B 94 0.42 -13.31 1.57
CA LEU B 94 -0.71 -12.44 1.84
C LEU B 94 -0.25 -11.05 2.26
N LYS B 95 0.76 -10.99 3.13
CA LYS B 95 1.31 -9.71 3.58
C LYS B 95 1.83 -8.91 2.40
N ARG B 96 2.57 -9.55 1.50
CA ARG B 96 3.18 -8.83 0.39
C ARG B 96 2.16 -8.42 -0.66
N GLN B 97 0.94 -8.93 -0.59
CA GLN B 97 -0.16 -8.45 -1.41
C GLN B 97 -1.03 -7.45 -0.66
N GLY B 98 -0.57 -6.98 0.50
CA GLY B 98 -1.27 -6.00 1.31
C GLY B 98 -2.38 -6.56 2.17
N ARG B 99 -2.76 -7.81 2.00
CA ARG B 99 -3.81 -8.44 2.81
C ARG B 99 -3.20 -9.28 3.93
N THR B 100 -2.44 -8.61 4.80
CA THR B 100 -1.78 -9.29 5.91
C THR B 100 -2.78 -10.02 6.80
N LEU B 101 -2.42 -11.24 7.19
CA LEU B 101 -3.28 -12.11 8.00
C LEU B 101 -2.61 -12.40 9.33
N TYR B 102 -3.36 -12.24 10.42
CA TYR B 102 -2.89 -12.56 11.77
C TYR B 102 -3.39 -13.93 12.20
N GLY B 103 -2.55 -14.66 12.93
CA GLY B 103 -2.94 -15.90 13.57
C GLY B 103 -2.19 -17.13 13.12
N PHE B 104 -1.31 -17.03 12.12
CA PHE B 104 -0.60 -18.19 11.60
C PHE B 104 0.91 -17.98 11.57
N GLY B 105 1.42 -17.01 12.32
CA GLY B 105 2.84 -16.75 12.35
C GLY B 105 3.19 -15.35 11.89
N GLY B 106 4.29 -14.81 12.40
CA GLY B 106 4.72 -13.47 12.05
C GLY B 106 6.02 -13.42 11.28
N ARG C 15 50.79 -4.62 -16.25
CA ARG C 15 49.41 -4.50 -15.79
C ARG C 15 48.44 -4.60 -16.96
N ALA C 16 47.38 -5.38 -16.78
CA ALA C 16 46.41 -5.57 -17.84
C ALA C 16 45.63 -4.29 -18.10
N LYS C 17 45.19 -4.12 -19.34
CA LYS C 17 44.37 -2.97 -19.70
C LYS C 17 43.03 -3.05 -18.97
N ALA C 18 42.61 -1.92 -18.41
CA ALA C 18 41.36 -1.87 -17.68
C ALA C 18 40.19 -1.83 -18.66
N LYS C 19 39.25 -2.76 -18.51
CA LYS C 19 38.06 -2.83 -19.33
C LYS C 19 36.85 -3.03 -18.43
N THR C 20 35.74 -2.37 -18.75
CA THR C 20 34.64 -2.26 -17.80
C THR C 20 33.76 -3.51 -17.78
N ARG C 21 33.13 -3.71 -16.63
CA ARG C 21 32.28 -4.87 -16.41
C ARG C 21 31.03 -4.80 -17.26
N SER C 22 30.51 -3.58 -17.48
CA SER C 22 29.36 -3.40 -18.36
C SER C 22 29.70 -3.87 -19.76
N SER C 23 30.90 -3.53 -20.23
CA SER C 23 31.36 -3.96 -21.53
C SER C 23 31.54 -5.48 -21.56
N ARG C 24 32.08 -6.04 -20.46
CA ARG C 24 32.20 -7.49 -20.38
C ARG C 24 30.85 -8.18 -20.45
N ALA C 25 29.80 -7.53 -19.98
CA ALA C 25 28.46 -8.09 -19.97
C ALA C 25 27.65 -7.67 -21.19
N GLY C 26 28.20 -6.78 -22.02
CA GLY C 26 27.44 -6.28 -23.15
C GLY C 26 26.34 -5.33 -22.76
N LEU C 27 26.48 -4.68 -21.60
CA LEU C 27 25.47 -3.80 -21.05
C LEU C 27 25.96 -2.37 -21.04
N GLN C 28 25.02 -1.43 -20.90
CA GLN C 28 25.35 -0.02 -20.81
C GLN C 28 25.30 0.53 -19.39
N PHE C 29 24.45 -0.03 -18.54
CA PHE C 29 24.38 0.44 -17.17
C PHE C 29 25.63 0.03 -16.38
N PRO C 30 26.06 0.86 -15.43
CA PRO C 30 27.36 0.67 -14.77
C PRO C 30 27.27 -0.42 -13.71
N VAL C 31 27.99 -1.53 -13.93
CA VAL C 31 28.02 -2.59 -12.94
C VAL C 31 28.64 -2.08 -11.64
N GLY C 32 29.76 -1.37 -11.75
CA GLY C 32 30.41 -0.83 -10.56
C GLY C 32 29.53 0.10 -9.75
N ARG C 33 28.88 1.06 -10.43
CA ARG C 33 28.03 2.02 -9.74
C ARG C 33 26.82 1.36 -9.10
N VAL C 34 26.14 0.48 -9.83
CA VAL C 34 25.00 -0.23 -9.25
C VAL C 34 25.47 -1.06 -8.06
N HIS C 35 26.64 -1.68 -8.18
CA HIS C 35 27.20 -2.44 -7.08
C HIS C 35 27.44 -1.56 -5.85
N ARG C 36 28.02 -0.38 -6.06
CA ARG C 36 28.26 0.50 -4.90
C ARG C 36 26.95 0.92 -4.25
N LEU C 37 25.94 1.27 -5.06
CA LEU C 37 24.67 1.69 -4.45
C LEU C 37 23.97 0.54 -3.75
N LEU C 38 24.09 -0.68 -4.28
CA LEU C 38 23.54 -1.85 -3.62
C LEU C 38 24.28 -2.14 -2.31
N ARG C 39 25.61 -2.05 -2.32
CA ARG C 39 26.42 -2.27 -1.13
C ARG C 39 26.11 -1.25 -0.04
N LYS C 40 25.91 0.00 -0.44
CA LYS C 40 25.77 1.08 0.52
C LYS C 40 24.32 1.43 0.81
N GLY C 41 23.37 0.67 0.27
CA GLY C 41 21.97 0.85 0.57
C GLY C 41 21.52 0.19 1.85
N ASN C 42 22.45 -0.31 2.65
CA ASN C 42 22.17 -1.00 3.91
C ASN C 42 21.23 -2.19 3.69
N TYR C 43 21.55 -2.99 2.67
CA TYR C 43 20.77 -4.18 2.36
C TYR C 43 21.34 -5.47 2.93
N SER C 44 22.66 -5.65 2.87
CA SER C 44 23.28 -6.85 3.43
C SER C 44 24.76 -6.60 3.64
N GLU C 45 25.36 -7.43 4.49
CA GLU C 45 26.79 -7.33 4.73
C GLU C 45 27.61 -7.98 3.60
N ARG C 46 27.06 -8.99 2.93
CA ARG C 46 27.76 -9.69 1.86
C ARG C 46 26.93 -9.66 0.59
N VAL C 47 27.60 -9.45 -0.54
CA VAL C 47 26.94 -9.23 -1.83
C VAL C 47 27.65 -10.04 -2.92
N GLY C 48 26.85 -10.71 -3.76
CA GLY C 48 27.40 -11.47 -4.85
C GLY C 48 27.78 -10.63 -6.06
N ALA C 49 28.59 -11.25 -6.92
CA ALA C 49 29.05 -10.61 -8.15
C ALA C 49 27.97 -10.53 -9.22
N GLY C 50 27.05 -11.50 -9.26
CA GLY C 50 26.02 -11.56 -10.29
C GLY C 50 24.81 -10.68 -10.03
N ALA C 51 24.58 -10.28 -8.79
CA ALA C 51 23.44 -9.41 -8.49
C ALA C 51 23.50 -8.09 -9.24
N PRO C 52 24.62 -7.36 -9.28
CA PRO C 52 24.62 -6.10 -10.02
C PRO C 52 24.51 -6.32 -11.52
N VAL C 53 24.95 -7.48 -12.01
CA VAL C 53 24.79 -7.78 -13.43
C VAL C 53 23.31 -7.94 -13.76
N TYR C 54 22.60 -8.73 -12.95
CA TYR C 54 21.16 -8.88 -13.16
C TYR C 54 20.45 -7.54 -13.10
N LEU C 55 20.73 -6.75 -12.05
CA LEU C 55 20.08 -5.45 -11.92
C LEU C 55 20.35 -4.56 -13.12
N ALA C 56 21.61 -4.48 -13.58
CA ALA C 56 21.89 -3.64 -14.73
C ALA C 56 21.12 -4.12 -15.96
N ALA C 57 21.05 -5.44 -16.14
CA ALA C 57 20.34 -5.97 -17.31
C ALA C 57 18.85 -5.66 -17.26
N VAL C 58 18.22 -5.82 -16.09
CA VAL C 58 16.78 -5.52 -16.01
C VAL C 58 16.52 -4.04 -16.23
N LEU C 59 17.30 -3.15 -15.60
CA LEU C 59 17.08 -1.73 -15.80
C LEU C 59 17.28 -1.33 -17.26
N GLU C 60 18.32 -1.86 -17.92
CA GLU C 60 18.52 -1.51 -19.32
C GLU C 60 17.37 -2.00 -20.18
N TYR C 61 16.91 -3.24 -19.95
CA TYR C 61 15.78 -3.76 -20.71
C TYR C 61 14.55 -2.88 -20.56
N LEU C 62 14.21 -2.52 -19.33
CA LEU C 62 13.00 -1.73 -19.11
C LEU C 62 13.13 -0.34 -19.74
N THR C 63 14.32 0.26 -19.62
CA THR C 63 14.58 1.54 -20.30
C THR C 63 14.40 1.39 -21.80
N ALA C 64 14.90 0.31 -22.38
CA ALA C 64 14.81 0.13 -23.82
C ALA C 64 13.36 0.00 -24.27
N GLU C 65 12.54 -0.73 -23.50
CA GLU C 65 11.13 -0.87 -23.87
C GLU C 65 10.38 0.45 -23.74
N ILE C 66 10.60 1.18 -22.64
CA ILE C 66 9.92 2.47 -22.46
C ILE C 66 10.35 3.43 -23.56
N LEU C 67 11.64 3.46 -23.89
CA LEU C 67 12.13 4.36 -24.94
C LEU C 67 11.55 3.99 -26.30
N GLU C 68 11.40 2.69 -26.59
CA GLU C 68 10.73 2.29 -27.82
C GLU C 68 9.33 2.86 -27.90
N LEU C 69 8.52 2.63 -26.86
CA LEU C 69 7.15 3.12 -26.91
C LEU C 69 7.10 4.65 -26.98
N ALA C 70 7.97 5.33 -26.22
CA ALA C 70 7.97 6.79 -26.25
C ALA C 70 8.39 7.33 -27.61
N GLY C 71 9.38 6.69 -28.24
CA GLY C 71 9.75 7.07 -29.59
C GLY C 71 8.61 6.88 -30.58
N ASN C 72 7.94 5.73 -30.50
CA ASN C 72 6.77 5.50 -31.35
C ASN C 72 5.75 6.62 -31.18
N ALA C 73 5.42 6.97 -29.94
CA ALA C 73 4.45 8.03 -29.70
C ALA C 73 4.94 9.36 -30.25
N ALA C 74 6.24 9.66 -30.07
CA ALA C 74 6.79 10.91 -30.55
C ALA C 74 6.71 11.03 -32.07
N ARG C 75 7.03 9.95 -32.78
CA ARG C 75 6.95 9.98 -34.24
C ARG C 75 5.50 10.05 -34.70
N ASP C 76 4.60 9.36 -34.00
CA ASP C 76 3.18 9.49 -34.31
C ASP C 76 2.71 10.94 -34.21
N ASN C 77 3.36 11.73 -33.36
CA ASN C 77 3.10 13.15 -33.24
C ASN C 77 4.06 14.00 -34.06
N LYS C 78 4.88 13.36 -34.90
CA LYS C 78 5.88 14.06 -35.73
C LYS C 78 6.82 14.89 -34.85
N LYS C 79 7.19 14.35 -33.70
CA LYS C 79 8.01 15.05 -32.73
C LYS C 79 9.34 14.30 -32.59
N THR C 80 10.45 15.03 -32.54
CA THR C 80 11.77 14.41 -32.57
C THR C 80 12.42 14.22 -31.21
N ARG C 81 11.98 14.92 -30.17
CA ARG C 81 12.53 14.79 -28.82
C ARG C 81 11.49 14.20 -27.90
N ILE C 82 11.90 13.23 -27.08
CA ILE C 82 11.00 12.65 -26.10
C ILE C 82 10.68 13.68 -25.03
N ILE C 83 9.40 13.93 -24.79
CA ILE C 83 8.95 14.87 -23.78
C ILE C 83 8.12 14.10 -22.74
N PRO C 84 7.85 14.67 -21.56
CA PRO C 84 7.08 13.90 -20.56
C PRO C 84 5.72 13.42 -21.07
N ARG C 85 5.05 14.20 -21.92
CA ARG C 85 3.78 13.76 -22.49
C ARG C 85 3.93 12.43 -23.20
N HIS C 86 4.98 12.27 -24.01
CA HIS C 86 5.20 11.02 -24.72
C HIS C 86 5.51 9.88 -23.75
N LEU C 87 6.23 10.17 -22.67
CA LEU C 87 6.50 9.13 -21.68
C LEU C 87 5.22 8.67 -21.02
N GLN C 88 4.34 9.61 -20.68
CA GLN C 88 3.07 9.24 -20.03
C GLN C 88 2.21 8.42 -20.98
N LEU C 89 2.11 8.86 -22.24
CA LEU C 89 1.36 8.08 -23.24
C LEU C 89 1.94 6.68 -23.40
N ALA C 90 3.27 6.58 -23.53
CA ALA C 90 3.91 5.28 -23.68
C ALA C 90 3.62 4.37 -22.48
N ILE C 91 3.72 4.91 -21.27
CA ILE C 91 3.49 3.99 -20.14
C ILE C 91 2.02 3.57 -20.16
N ARG C 92 1.10 4.53 -20.23
CA ARG C 92 -0.31 4.17 -20.09
C ARG C 92 -0.83 3.31 -21.25
N ASN C 93 -0.21 3.39 -22.43
CA ASN C 93 -0.70 2.65 -23.58
C ASN C 93 -0.24 1.20 -23.62
N ASP C 94 0.59 0.77 -22.66
CA ASP C 94 1.03 -0.61 -22.57
C ASP C 94 0.47 -1.18 -21.27
N GLU C 95 -0.24 -2.29 -21.38
CA GLU C 95 -0.93 -2.87 -20.22
C GLU C 95 0.04 -3.23 -19.11
N GLU C 96 1.20 -3.79 -19.44
CA GLU C 96 2.12 -4.26 -18.42
C GLU C 96 2.88 -3.11 -17.76
N LEU C 97 3.30 -2.11 -18.54
CA LEU C 97 3.91 -0.94 -17.94
C LEU C 97 2.90 -0.19 -17.08
N ASN C 98 1.66 -0.07 -17.55
CA ASN C 98 0.63 0.59 -16.76
C ASN C 98 0.38 -0.14 -15.45
N LYS C 99 0.39 -1.48 -15.49
CA LYS C 99 0.26 -2.26 -14.27
C LYS C 99 1.45 -2.03 -13.34
N LEU C 100 2.67 -2.13 -13.88
CA LEU C 100 3.87 -1.93 -13.05
C LEU C 100 3.89 -0.55 -12.42
N LEU C 101 3.45 0.47 -13.15
CA LEU C 101 3.46 1.86 -12.68
C LEU C 101 2.05 2.36 -12.39
N GLY C 102 1.21 1.50 -11.80
CA GLY C 102 -0.16 1.89 -11.52
C GLY C 102 -0.28 3.03 -10.52
N ARG C 103 0.66 3.12 -9.58
CA ARG C 103 0.64 4.13 -8.54
C ARG C 103 1.70 5.21 -8.76
N VAL C 104 1.96 5.55 -10.03
CA VAL C 104 2.97 6.54 -10.38
C VAL C 104 2.30 7.66 -11.16
N THR C 105 2.55 8.89 -10.75
CA THR C 105 2.09 10.08 -11.48
C THR C 105 3.27 10.74 -12.17
N ILE C 106 3.14 10.95 -13.48
CA ILE C 106 4.18 11.58 -14.27
C ILE C 106 3.91 13.08 -14.33
N ALA C 107 4.88 13.86 -13.87
CA ALA C 107 4.74 15.33 -13.96
C ALA C 107 4.67 15.74 -15.43
N GLN C 108 3.85 16.73 -15.75
CA GLN C 108 3.64 17.25 -17.10
C GLN C 108 3.23 16.16 -18.09
N GLY C 109 2.61 15.09 -17.59
CA GLY C 109 2.22 13.98 -18.44
C GLY C 109 0.81 14.04 -19.00
N GLY C 110 -0.08 14.76 -18.29
CA GLY C 110 -1.46 14.79 -18.70
C GLY C 110 -2.18 13.47 -18.49
N VAL C 111 -3.30 13.31 -19.19
CA VAL C 111 -4.14 12.12 -19.09
C VAL C 111 -4.47 11.62 -20.50
N LEU C 112 -4.97 10.38 -20.56
CA LEU C 112 -5.33 9.78 -21.83
C LEU C 112 -6.56 10.47 -22.43
N PRO C 113 -6.54 10.76 -23.72
CA PRO C 113 -7.79 11.16 -24.39
C PRO C 113 -8.77 10.00 -24.38
N ASN C 114 -9.88 10.19 -23.69
CA ASN C 114 -10.86 9.10 -23.52
C ASN C 114 -12.18 9.71 -23.07
N ILE C 115 -13.24 9.45 -23.81
CA ILE C 115 -14.58 9.93 -23.48
C ILE C 115 -15.50 8.74 -23.31
N GLN C 116 -16.26 8.72 -22.22
CA GLN C 116 -17.24 7.66 -22.01
C GLN C 116 -18.31 7.71 -23.08
N ALA C 117 -18.77 6.52 -23.47
CA ALA C 117 -19.74 6.42 -24.58
C ALA C 117 -21.03 7.18 -24.25
N VAL C 118 -21.41 7.24 -22.97
CA VAL C 118 -22.68 7.85 -22.62
C VAL C 118 -22.64 9.37 -22.77
N LEU C 119 -21.44 9.95 -22.77
CA LEU C 119 -21.30 11.40 -22.87
C LEU C 119 -21.33 11.90 -24.31
N LEU C 120 -21.21 11.01 -25.28
CA LEU C 120 -21.21 11.41 -26.68
C LEU C 120 -22.63 11.84 -27.08
N PRO C 121 -22.77 12.81 -27.98
CA PRO C 121 -24.10 13.20 -28.43
C PRO C 121 -24.75 12.11 -29.26
N LYS C 122 -26.08 12.21 -29.32
CA LYS C 122 -26.87 11.16 -30.02
C LYS C 122 -27.70 11.79 -31.14
N LYS C 123 -27.98 11.01 -32.18
CA LYS C 123 -28.77 11.45 -33.32
C LYS C 123 -30.24 11.09 -33.16
N LYS D 34 31.86 24.33 -7.63
CA LYS D 34 32.03 22.89 -7.48
C LYS D 34 31.30 22.37 -6.24
N ARG D 35 30.21 21.66 -6.46
CA ARG D 35 29.41 21.11 -5.37
C ARG D 35 29.87 19.69 -5.04
N SER D 36 29.18 19.07 -4.09
CA SER D 36 29.52 17.71 -3.69
C SER D 36 29.16 16.71 -4.79
N ARG D 37 29.75 15.53 -4.69
CA ARG D 37 29.53 14.50 -5.69
C ARG D 37 28.10 13.98 -5.60
N LYS D 38 27.31 14.23 -6.64
CA LYS D 38 25.93 13.77 -6.74
C LYS D 38 25.85 12.72 -7.83
N GLU D 39 25.54 11.49 -7.45
CA GLU D 39 25.53 10.39 -8.41
C GLU D 39 24.23 10.36 -9.19
N SER D 40 24.35 10.02 -10.47
CA SER D 40 23.18 9.87 -11.34
C SER D 40 23.54 8.94 -12.47
N TYR D 41 22.51 8.44 -13.15
CA TYR D 41 22.66 7.48 -14.24
C TYR D 41 22.48 8.11 -15.62
N SER D 42 22.63 9.44 -15.74
CA SER D 42 22.33 10.14 -16.99
C SER D 42 23.12 9.57 -18.17
N ILE D 43 24.43 9.39 -18.00
CA ILE D 43 25.27 8.96 -19.10
C ILE D 43 24.96 7.54 -19.53
N TYR D 44 24.55 6.68 -18.59
CA TYR D 44 24.24 5.30 -18.95
C TYR D 44 22.92 5.21 -19.67
N VAL D 45 21.92 5.98 -19.23
CA VAL D 45 20.67 6.06 -19.95
C VAL D 45 20.91 6.59 -21.35
N TYR D 46 21.81 7.57 -21.49
CA TYR D 46 22.09 8.10 -22.81
C TYR D 46 22.78 7.06 -23.69
N LYS D 47 23.70 6.29 -23.13
CA LYS D 47 24.36 5.24 -23.89
C LYS D 47 23.38 4.18 -24.35
N VAL D 48 22.48 3.73 -23.46
CA VAL D 48 21.48 2.75 -23.88
C VAL D 48 20.55 3.36 -24.94
N LEU D 49 20.12 4.60 -24.75
CA LEU D 49 19.29 5.27 -25.76
C LEU D 49 19.97 5.30 -27.12
N LYS D 50 21.25 5.67 -27.15
CA LYS D 50 21.98 5.68 -28.41
C LYS D 50 22.13 4.27 -28.99
N GLN D 51 22.19 3.25 -28.14
CA GLN D 51 22.17 1.88 -28.63
C GLN D 51 20.82 1.55 -29.28
N VAL D 52 19.73 1.93 -28.61
CA VAL D 52 18.41 1.54 -29.07
C VAL D 52 17.80 2.55 -30.05
N HIS D 53 18.15 3.83 -29.91
CA HIS D 53 17.63 4.89 -30.79
C HIS D 53 18.76 5.87 -31.02
N PRO D 54 19.61 5.63 -32.03
CA PRO D 54 20.78 6.49 -32.23
C PRO D 54 20.46 7.96 -32.45
N ASP D 55 19.32 8.29 -33.03
CA ASP D 55 18.98 9.66 -33.41
C ASP D 55 17.95 10.29 -32.49
N THR D 56 17.79 9.81 -31.27
CA THR D 56 16.80 10.34 -30.33
C THR D 56 17.49 10.95 -29.12
N GLY D 57 17.00 12.11 -28.69
CA GLY D 57 17.51 12.79 -27.52
C GLY D 57 16.62 12.58 -26.30
N ILE D 58 16.86 13.40 -25.27
CA ILE D 58 16.13 13.28 -24.02
C ILE D 58 16.15 14.64 -23.32
N SER D 59 15.02 15.04 -22.76
CA SER D 59 14.91 16.28 -22.01
C SER D 59 15.29 16.06 -20.54
N SER D 60 15.55 17.18 -19.85
CA SER D 60 15.91 17.10 -18.44
C SER D 60 14.77 16.55 -17.59
N LYS D 61 13.54 17.00 -17.85
CA LYS D 61 12.39 16.48 -17.12
C LYS D 61 12.23 14.99 -17.38
N ALA D 62 12.37 14.57 -18.63
CA ALA D 62 12.26 13.16 -18.97
C ALA D 62 13.37 12.36 -18.32
N MET D 63 14.59 12.91 -18.31
CA MET D 63 15.68 12.21 -17.63
C MET D 63 15.41 12.07 -16.14
N GLY D 64 14.83 13.10 -15.52
CA GLY D 64 14.44 12.98 -14.12
C GLY D 64 13.41 11.89 -13.91
N ILE D 65 12.47 11.76 -14.85
CA ILE D 65 11.48 10.70 -14.74
C ILE D 65 12.14 9.34 -14.87
N MET D 66 13.13 9.22 -15.77
CA MET D 66 13.86 7.97 -15.91
C MET D 66 14.68 7.64 -14.67
N ASN D 67 15.31 8.63 -14.06
CA ASN D 67 16.07 8.39 -12.84
C ASN D 67 15.16 7.95 -11.70
N SER D 68 14.03 8.62 -11.52
CA SER D 68 13.05 8.19 -10.53
C SER D 68 12.63 6.74 -10.79
N PHE D 69 12.32 6.40 -12.05
CA PHE D 69 11.90 5.04 -12.39
C PHE D 69 12.98 4.01 -12.04
N VAL D 70 14.20 4.24 -12.52
CA VAL D 70 15.28 3.28 -12.29
C VAL D 70 15.57 3.13 -10.79
N ASN D 71 15.62 4.24 -10.06
CA ASN D 71 15.85 4.16 -8.62
C ASN D 71 14.74 3.41 -7.91
N ASP D 72 13.48 3.66 -8.30
CA ASP D 72 12.36 2.94 -7.71
C ASP D 72 12.48 1.44 -7.93
N ILE D 73 12.76 1.04 -9.17
CA ILE D 73 12.86 -0.42 -9.47
C ILE D 73 14.02 -0.97 -8.64
N PHE D 74 15.18 -0.30 -8.62
CA PHE D 74 16.31 -0.70 -7.80
C PHE D 74 15.89 -0.96 -6.35
N GLU D 75 15.22 0.03 -5.74
CA GLU D 75 14.80 -0.10 -4.35
C GLU D 75 13.90 -1.31 -4.16
N ARG D 76 12.90 -1.48 -5.04
CA ARG D 76 11.99 -2.61 -4.94
C ARG D 76 12.73 -3.94 -5.01
N ILE D 77 13.60 -4.10 -6.01
CA ILE D 77 14.26 -5.39 -6.21
C ILE D 77 15.22 -5.68 -5.07
N ALA D 78 16.05 -4.70 -4.69
CA ALA D 78 17.00 -4.93 -3.62
C ALA D 78 16.30 -5.24 -2.29
N GLY D 79 15.21 -4.53 -2.00
CA GLY D 79 14.51 -4.78 -0.75
C GLY D 79 13.87 -6.17 -0.73
N GLU D 80 13.21 -6.54 -1.84
CA GLU D 80 12.61 -7.87 -1.91
C GLU D 80 13.67 -8.96 -1.81
N ALA D 81 14.81 -8.78 -2.46
CA ALA D 81 15.88 -9.77 -2.38
C ALA D 81 16.42 -9.89 -0.96
N SER D 82 16.60 -8.77 -0.27
CA SER D 82 17.04 -8.81 1.12
C SER D 82 16.06 -9.57 2.00
N ARG D 83 14.76 -9.28 1.82
CA ARG D 83 13.75 -9.97 2.63
C ARG D 83 13.73 -11.47 2.33
N LEU D 84 13.78 -11.83 1.04
CA LEU D 84 13.86 -13.24 0.66
C LEU D 84 15.04 -13.94 1.32
N ALA D 85 16.23 -13.33 1.24
CA ALA D 85 17.41 -13.93 1.84
C ALA D 85 17.25 -14.08 3.35
N HIS D 86 16.68 -13.07 4.01
CA HIS D 86 16.46 -13.15 5.44
C HIS D 86 15.52 -14.30 5.80
N TYR D 87 14.39 -14.41 5.08
CA TYR D 87 13.42 -15.46 5.37
C TYR D 87 14.02 -16.86 5.35
N ASN D 88 15.03 -17.10 4.52
CA ASN D 88 15.62 -18.43 4.37
C ASN D 88 16.89 -18.58 5.19
N LYS D 89 17.12 -17.70 6.16
CA LYS D 89 18.32 -17.73 7.01
C LYS D 89 19.58 -17.68 6.16
N ARG D 90 19.56 -16.84 5.13
CA ARG D 90 20.68 -16.65 4.23
C ARG D 90 21.37 -15.34 4.56
N SER D 91 22.69 -15.41 4.79
CA SER D 91 23.47 -14.24 5.16
C SER D 91 24.26 -13.65 4.00
N THR D 92 24.24 -14.29 2.84
CA THR D 92 25.00 -13.86 1.67
C THR D 92 24.03 -13.53 0.54
N ILE D 93 24.27 -12.40 -0.13
CA ILE D 93 23.49 -12.05 -1.31
C ILE D 93 24.06 -12.75 -2.52
N THR D 94 23.24 -13.55 -3.19
CA THR D 94 23.60 -14.32 -4.36
C THR D 94 22.75 -13.87 -5.54
N SER D 95 22.79 -14.67 -6.62
CA SER D 95 22.03 -14.36 -7.82
C SER D 95 20.66 -15.04 -7.87
N ARG D 96 20.47 -16.12 -7.11
CA ARG D 96 19.17 -16.81 -7.11
C ARG D 96 18.06 -15.96 -6.50
N GLU D 97 18.32 -15.31 -5.37
CA GLU D 97 17.31 -14.43 -4.80
C GLU D 97 17.02 -13.25 -5.73
N ILE D 98 18.05 -12.69 -6.37
CA ILE D 98 17.84 -11.60 -7.31
C ILE D 98 16.90 -12.07 -8.42
N GLN D 99 17.16 -13.26 -8.95
CA GLN D 99 16.35 -13.77 -10.06
C GLN D 99 14.91 -14.00 -9.60
N THR D 100 14.73 -14.57 -8.41
CA THR D 100 13.39 -14.82 -7.90
C THR D 100 12.63 -13.52 -7.66
N ALA D 101 13.31 -12.52 -7.09
CA ALA D 101 12.69 -11.20 -6.92
C ALA D 101 12.28 -10.59 -8.25
N VAL D 102 13.14 -10.69 -9.26
CA VAL D 102 12.77 -10.17 -10.59
C VAL D 102 11.53 -10.89 -11.11
N ARG D 103 11.47 -12.21 -10.91
CA ARG D 103 10.31 -12.96 -11.37
C ARG D 103 9.04 -12.58 -10.60
N LEU D 104 9.18 -12.27 -9.30
CA LEU D 104 8.02 -11.84 -8.52
C LEU D 104 7.51 -10.47 -8.95
N LEU D 105 8.41 -9.53 -9.24
CA LEU D 105 7.97 -8.16 -9.47
C LEU D 105 7.60 -7.88 -10.92
N LEU D 106 8.20 -8.56 -11.86
CA LEU D 106 7.95 -8.27 -13.26
C LEU D 106 6.86 -9.19 -13.81
N PRO D 107 6.11 -8.73 -14.82
CA PRO D 107 5.10 -9.60 -15.45
C PRO D 107 5.74 -10.74 -16.24
N GLY D 108 4.92 -11.57 -16.87
CA GLY D 108 5.39 -12.82 -17.43
C GLY D 108 6.51 -12.72 -18.45
N GLU D 109 6.20 -12.18 -19.64
CA GLU D 109 7.21 -12.15 -20.70
C GLU D 109 8.39 -11.27 -20.31
N LEU D 110 8.13 -10.20 -19.55
CA LEU D 110 9.23 -9.36 -19.08
C LEU D 110 10.14 -10.14 -18.16
N ALA D 111 9.57 -10.96 -17.27
CA ALA D 111 10.39 -11.77 -16.39
C ALA D 111 11.19 -12.79 -17.18
N LYS D 112 10.56 -13.46 -18.16
CA LYS D 112 11.29 -14.45 -18.94
C LYS D 112 12.44 -13.81 -19.70
N HIS D 113 12.20 -12.66 -20.33
CA HIS D 113 13.25 -12.00 -21.09
C HIS D 113 14.37 -11.51 -20.19
N ALA D 114 14.02 -10.92 -19.04
CA ALA D 114 15.02 -10.45 -18.10
C ALA D 114 15.86 -11.61 -17.58
N VAL D 115 15.23 -12.72 -17.22
CA VAL D 115 15.96 -13.90 -16.76
C VAL D 115 16.90 -14.41 -17.84
N SER D 116 16.44 -14.47 -19.10
CA SER D 116 17.32 -14.93 -20.17
C SER D 116 18.55 -14.02 -20.31
N GLU D 117 18.32 -12.70 -20.31
CA GLU D 117 19.44 -11.77 -20.41
C GLU D 117 20.38 -11.89 -19.23
N GLY D 118 19.84 -11.99 -18.02
CA GLY D 118 20.68 -12.10 -16.84
C GLY D 118 21.53 -13.36 -16.86
N THR D 119 20.93 -14.50 -17.20
CA THR D 119 21.70 -15.73 -17.21
C THR D 119 22.79 -15.69 -18.27
N LYS D 120 22.46 -15.31 -19.50
CA LYS D 120 23.51 -15.20 -20.53
C LYS D 120 24.61 -14.25 -20.08
N ALA D 121 24.26 -13.08 -19.55
CA ALA D 121 25.27 -12.11 -19.14
C ALA D 121 26.15 -12.63 -18.01
N VAL D 122 25.54 -13.26 -17.01
CA VAL D 122 26.32 -13.75 -15.88
C VAL D 122 27.25 -14.90 -16.30
N THR D 123 26.77 -15.81 -17.15
CA THR D 123 27.63 -16.91 -17.58
C THR D 123 28.76 -16.40 -18.46
N LYS D 124 28.47 -15.42 -19.33
CA LYS D 124 29.52 -14.84 -20.15
C LYS D 124 30.55 -14.12 -19.29
N TYR D 125 30.08 -13.41 -18.25
CA TYR D 125 31.01 -12.74 -17.35
C TYR D 125 31.89 -13.76 -16.62
N THR D 126 31.28 -14.84 -16.14
CA THR D 126 32.03 -15.86 -15.42
C THR D 126 33.06 -16.53 -16.31
N SER D 127 32.79 -16.61 -17.62
CA SER D 127 33.78 -17.15 -18.54
C SER D 127 35.06 -16.34 -18.53
N ALA D 128 34.97 -15.04 -18.31
CA ALA D 128 36.16 -14.19 -18.22
C ALA D 128 36.84 -14.32 -16.87
N LYS E 41 -30.69 36.71 -34.16
CA LYS E 41 -30.31 36.32 -32.82
C LYS E 41 -28.86 35.86 -32.78
N PRO E 42 -28.17 36.17 -31.69
CA PRO E 42 -26.77 35.73 -31.55
C PRO E 42 -26.68 34.22 -31.46
N HIS E 43 -25.53 33.69 -31.87
CA HIS E 43 -25.34 32.25 -31.87
C HIS E 43 -25.21 31.73 -30.44
N ARG E 44 -25.74 30.54 -30.21
CA ARG E 44 -25.70 29.91 -28.91
C ARG E 44 -25.69 28.39 -29.09
N TYR E 45 -24.67 27.75 -28.52
CA TYR E 45 -24.57 26.30 -28.57
C TYR E 45 -25.53 25.67 -27.56
N ARG E 46 -26.05 24.50 -27.93
CA ARG E 46 -26.89 23.77 -27.00
C ARG E 46 -26.07 23.28 -25.81
N PRO E 47 -26.69 23.13 -24.63
CA PRO E 47 -25.94 22.67 -23.45
C PRO E 47 -25.19 21.36 -23.69
N GLY E 48 -23.89 21.37 -23.44
CA GLY E 48 -23.07 20.19 -23.61
C GLY E 48 -21.96 20.33 -24.62
N THR E 49 -22.24 20.98 -25.75
CA THR E 49 -21.24 21.11 -26.82
C THR E 49 -19.96 21.75 -26.30
N VAL E 50 -20.10 22.81 -25.51
CA VAL E 50 -18.93 23.52 -25.01
C VAL E 50 -18.28 22.67 -23.92
N ALA E 51 -19.08 21.94 -23.15
CA ALA E 51 -18.51 21.03 -22.17
C ALA E 51 -17.59 20.01 -22.83
N LEU E 52 -18.06 19.34 -23.89
CA LEU E 52 -17.19 18.41 -24.60
C LEU E 52 -15.97 19.10 -25.19
N ARG E 53 -16.15 20.29 -25.78
CA ARG E 53 -14.99 21.00 -26.33
C ARG E 53 -13.95 21.27 -25.26
N GLU E 54 -14.38 21.70 -24.06
CA GLU E 54 -13.42 21.98 -23.00
C GLU E 54 -12.82 20.69 -22.46
N ILE E 55 -13.61 19.61 -22.44
CA ILE E 55 -13.06 18.32 -22.01
C ILE E 55 -11.90 17.95 -22.91
N ARG E 56 -12.10 18.03 -24.23
CA ARG E 56 -11.04 17.71 -25.18
C ARG E 56 -9.84 18.64 -25.00
N ARG E 57 -10.10 19.95 -24.88
CA ARG E 57 -9.01 20.91 -24.69
C ARG E 57 -8.18 20.58 -23.47
N TYR E 58 -8.81 20.39 -22.31
CA TYR E 58 -8.01 20.20 -21.10
C TYR E 58 -7.47 18.78 -20.95
N GLN E 59 -8.05 17.80 -21.64
CA GLN E 59 -7.45 16.47 -21.62
C GLN E 59 -6.33 16.32 -22.63
N LYS E 60 -6.26 17.20 -23.63
CA LYS E 60 -5.17 17.15 -24.59
C LYS E 60 -3.88 17.73 -24.03
N SER E 61 -3.97 18.76 -23.19
CA SER E 61 -2.82 19.51 -22.72
C SER E 61 -2.51 19.15 -21.26
N THR E 62 -1.42 19.71 -20.75
CA THR E 62 -0.94 19.34 -19.41
C THR E 62 -0.60 20.53 -18.51
N GLU E 63 -0.78 21.77 -18.95
CA GLU E 63 -0.44 22.90 -18.09
C GLU E 63 -1.39 22.96 -16.89
N LEU E 64 -0.84 23.43 -15.76
CA LEU E 64 -1.54 23.37 -14.50
C LEU E 64 -2.76 24.30 -14.49
N LEU E 65 -3.82 23.87 -13.79
CA LEU E 65 -5.12 24.52 -13.87
C LEU E 65 -5.49 25.32 -12.63
N ILE E 66 -4.88 25.03 -11.48
CA ILE E 66 -5.16 25.76 -10.25
C ILE E 66 -4.15 26.89 -10.12
N ARG E 67 -4.61 28.03 -9.63
CA ARG E 67 -3.75 29.20 -9.53
C ARG E 67 -2.68 29.00 -8.47
N LYS E 68 -1.46 29.44 -8.80
CA LYS E 68 -0.29 29.14 -7.97
C LYS E 68 -0.36 29.90 -6.65
N LEU E 69 -0.46 31.23 -6.71
CA LEU E 69 -0.38 32.11 -5.56
C LEU E 69 -1.51 31.92 -4.54
N PRO E 70 -2.77 31.81 -4.96
CA PRO E 70 -3.81 31.55 -3.94
C PRO E 70 -3.58 30.23 -3.22
N PHE E 71 -3.14 29.21 -3.96
CA PHE E 71 -2.82 27.93 -3.32
C PHE E 71 -1.67 28.12 -2.34
N GLN E 72 -0.65 28.88 -2.74
CA GLN E 72 0.48 29.17 -1.87
C GLN E 72 0.05 29.86 -0.57
N ARG E 73 -0.82 30.87 -0.68
CA ARG E 73 -1.32 31.52 0.51
C ARG E 73 -2.08 30.55 1.39
N LEU E 74 -2.93 29.72 0.78
CA LEU E 74 -3.68 28.71 1.52
C LEU E 74 -2.74 27.74 2.24
N VAL E 75 -1.74 27.21 1.52
CA VAL E 75 -0.81 26.26 2.12
C VAL E 75 -0.09 26.89 3.30
N ARG E 76 0.36 28.14 3.16
CA ARG E 76 1.05 28.71 4.32
C ARG E 76 0.09 28.92 5.50
N GLU E 77 -1.15 29.35 5.23
CA GLU E 77 -2.09 29.50 6.34
C GLU E 77 -2.33 28.16 7.05
N ILE E 78 -2.64 27.12 6.27
CA ILE E 78 -2.89 25.81 6.87
C ILE E 78 -1.66 25.30 7.62
N ALA E 79 -0.47 25.48 7.03
CA ALA E 79 0.77 25.06 7.66
C ALA E 79 1.01 25.77 8.98
N GLN E 80 0.66 27.07 9.04
CA GLN E 80 0.87 27.85 10.25
C GLN E 80 0.05 27.32 11.42
N ASP E 81 -1.00 26.54 11.16
CA ASP E 81 -1.75 25.92 12.25
C ASP E 81 -0.99 24.78 12.89
N PHE E 82 0.08 24.31 12.26
CA PHE E 82 0.92 23.22 12.76
C PHE E 82 2.26 23.69 13.29
N LYS E 83 2.92 24.60 12.57
CA LYS E 83 4.17 25.20 13.04
C LYS E 83 4.22 26.63 12.55
N THR E 84 4.47 27.57 13.46
CA THR E 84 4.47 28.97 13.11
C THR E 84 5.77 29.35 12.40
N ASP E 85 5.68 30.36 11.53
CA ASP E 85 6.81 30.99 10.87
C ASP E 85 7.53 29.98 9.95
N LEU E 86 6.81 28.98 9.47
CA LEU E 86 7.38 27.97 8.58
C LEU E 86 7.64 28.56 7.19
N ARG E 87 8.71 28.09 6.55
CA ARG E 87 9.07 28.52 5.20
C ARG E 87 8.84 27.39 4.20
N PHE E 88 8.68 27.78 2.93
CA PHE E 88 8.38 26.85 1.85
C PHE E 88 9.30 27.13 0.66
N GLN E 89 9.92 26.07 0.13
CA GLN E 89 10.63 26.20 -1.13
C GLN E 89 9.64 26.31 -2.29
N SER E 90 10.04 27.04 -3.34
CA SER E 90 9.21 27.16 -4.53
C SER E 90 8.92 25.79 -5.14
N SER E 91 9.96 24.98 -5.33
CA SER E 91 9.72 23.67 -5.92
C SER E 91 8.88 22.79 -5.01
N ALA E 92 8.83 23.11 -3.72
CA ALA E 92 7.97 22.36 -2.79
C ALA E 92 6.51 22.67 -3.07
N VAL E 93 6.19 23.95 -3.30
CA VAL E 93 4.80 24.29 -3.59
C VAL E 93 4.42 23.72 -4.95
N MET E 94 5.33 23.74 -5.93
CA MET E 94 4.99 23.16 -7.23
C MET E 94 4.74 21.65 -7.11
N ALA E 95 5.51 20.97 -6.26
CA ALA E 95 5.27 19.54 -6.04
C ALA E 95 3.91 19.32 -5.40
N LEU E 96 3.60 20.10 -4.36
CA LEU E 96 2.30 19.98 -3.70
C LEU E 96 1.16 20.25 -4.68
N GLN E 97 1.36 21.20 -5.59
CA GLN E 97 0.30 21.56 -6.52
C GLN E 97 0.08 20.48 -7.57
N GLU E 98 1.16 19.91 -8.10
CA GLU E 98 1.03 18.79 -9.02
C GLU E 98 0.30 17.64 -8.36
N ALA E 99 0.68 17.32 -7.10
CA ALA E 99 0.03 16.23 -6.39
C ALA E 99 -1.46 16.52 -6.20
N CYS E 100 -1.80 17.76 -5.85
CA CYS E 100 -3.19 18.12 -5.61
C CYS E 100 -4.02 17.97 -6.87
N GLU E 101 -3.50 18.45 -8.00
CA GLU E 101 -4.28 18.36 -9.23
C GLU E 101 -4.45 16.92 -9.68
N ALA E 102 -3.40 16.10 -9.56
CA ALA E 102 -3.55 14.68 -9.90
C ALA E 102 -4.59 13.99 -9.01
N TYR E 103 -4.56 14.30 -7.71
CA TYR E 103 -5.53 13.69 -6.79
C TYR E 103 -6.95 14.10 -7.14
N LEU E 104 -7.18 15.39 -7.38
CA LEU E 104 -8.51 15.86 -7.70
C LEU E 104 -9.01 15.28 -9.02
N VAL E 105 -8.14 15.22 -10.04
CA VAL E 105 -8.53 14.64 -11.32
C VAL E 105 -8.96 13.19 -11.14
N GLY E 106 -8.17 12.40 -10.40
CA GLY E 106 -8.57 11.02 -10.17
C GLY E 106 -9.87 10.88 -9.40
N LEU E 107 -10.05 11.70 -8.36
CA LEU E 107 -11.31 11.66 -7.60
C LEU E 107 -12.50 12.01 -8.48
N PHE E 108 -12.34 12.98 -9.37
CA PHE E 108 -13.43 13.37 -10.26
C PHE E 108 -13.70 12.31 -11.32
N GLU E 109 -12.66 11.60 -11.78
CA GLU E 109 -12.87 10.47 -12.67
C GLU E 109 -13.74 9.42 -11.99
N ASP E 110 -13.40 9.07 -10.75
CA ASP E 110 -14.17 8.04 -10.04
C ASP E 110 -15.59 8.52 -9.76
N THR E 111 -15.74 9.77 -9.34
CA THR E 111 -17.07 10.35 -9.15
C THR E 111 -17.91 10.28 -10.42
N ASN E 112 -17.32 10.63 -11.57
CA ASN E 112 -18.07 10.54 -12.81
C ASN E 112 -18.50 9.11 -13.11
N LEU E 113 -17.60 8.14 -12.90
CA LEU E 113 -17.98 6.75 -13.13
C LEU E 113 -19.11 6.30 -12.20
N CYS E 114 -19.08 6.72 -10.94
CA CYS E 114 -20.16 6.34 -10.03
C CYS E 114 -21.47 7.00 -10.43
N ALA E 115 -21.42 8.27 -10.86
CA ALA E 115 -22.60 8.96 -11.33
C ALA E 115 -23.21 8.24 -12.53
N ILE E 116 -22.37 7.89 -13.50
CA ILE E 116 -22.85 7.19 -14.70
C ILE E 116 -23.48 5.85 -14.31
N HIS E 117 -22.89 5.16 -13.32
CA HIS E 117 -23.50 3.92 -12.86
C HIS E 117 -24.95 4.13 -12.43
N ALA E 118 -25.24 5.27 -11.81
CA ALA E 118 -26.59 5.60 -11.37
C ALA E 118 -27.41 6.27 -12.46
N LYS E 119 -27.09 5.99 -13.74
CA LYS E 119 -27.76 6.57 -14.92
C LYS E 119 -27.89 8.08 -14.81
N ARG E 120 -26.94 8.72 -14.15
CA ARG E 120 -26.90 10.16 -14.00
C ARG E 120 -25.69 10.73 -14.72
N VAL E 121 -25.70 12.06 -14.89
CA VAL E 121 -24.60 12.79 -15.52
C VAL E 121 -24.02 13.83 -14.56
N THR E 122 -24.89 14.59 -13.90
CA THR E 122 -24.45 15.63 -12.98
C THR E 122 -23.96 15.01 -11.68
N ILE E 123 -22.77 15.41 -11.26
CA ILE E 123 -22.19 14.91 -10.01
C ILE E 123 -22.73 15.72 -8.85
N MET E 124 -22.93 15.06 -7.72
CA MET E 124 -23.48 15.66 -6.51
C MET E 124 -22.62 15.26 -5.31
N PRO E 125 -22.76 15.97 -4.18
CA PRO E 125 -21.91 15.65 -3.02
C PRO E 125 -21.98 14.20 -2.58
N LYS E 126 -23.15 13.57 -2.63
CA LYS E 126 -23.24 12.18 -2.23
C LYS E 126 -22.40 11.28 -3.13
N ASP E 127 -22.19 11.68 -4.38
CA ASP E 127 -21.30 10.93 -5.26
C ASP E 127 -19.86 11.02 -4.76
N ILE E 128 -19.42 12.23 -4.39
CA ILE E 128 -18.09 12.40 -3.83
C ILE E 128 -17.94 11.54 -2.57
N GLN E 129 -18.96 11.57 -1.72
CA GLN E 129 -18.88 10.83 -0.45
C GLN E 129 -18.85 9.33 -0.70
N LEU E 130 -19.60 8.85 -1.69
CA LEU E 130 -19.55 7.43 -2.03
C LEU E 130 -18.18 7.04 -2.57
N ALA E 131 -17.64 7.85 -3.48
CA ALA E 131 -16.34 7.55 -4.06
C ALA E 131 -15.27 7.48 -2.98
N ARG E 132 -15.29 8.43 -2.05
CA ARG E 132 -14.27 8.45 -1.01
C ARG E 132 -14.50 7.34 0.02
N ARG E 133 -15.76 7.00 0.31
CA ARG E 133 -16.02 5.89 1.23
C ARG E 133 -15.54 4.57 0.64
N ILE E 134 -15.80 4.34 -0.65
CA ILE E 134 -15.40 3.07 -1.24
C ILE E 134 -13.89 3.01 -1.44
N ARG E 135 -13.26 4.16 -1.74
CA ARG E 135 -11.80 4.18 -1.83
C ARG E 135 -11.13 3.89 -0.49
N GLY E 136 -11.85 4.05 0.62
CA GLY E 136 -11.27 3.82 1.93
C GLY E 136 -10.67 5.04 2.60
N GLU E 137 -10.98 6.24 2.11
CA GLU E 137 -10.49 7.46 2.73
C GLU E 137 -11.37 7.98 3.84
N ARG E 138 -12.55 7.38 4.04
CA ARG E 138 -13.46 7.81 5.09
C ARG E 138 -13.65 6.72 6.14
N ARG F 27 -8.23 31.76 7.60
CA ARG F 27 -8.84 33.00 7.17
C ARG F 27 -9.60 32.87 5.84
N ASP F 28 -9.52 33.93 5.04
CA ASP F 28 -10.28 34.06 3.81
C ASP F 28 -9.57 33.48 2.59
N ASN F 29 -8.41 32.85 2.77
CA ASN F 29 -7.70 32.29 1.63
C ASN F 29 -8.36 31.04 1.06
N ILE F 30 -9.29 30.41 1.77
CA ILE F 30 -9.98 29.24 1.22
C ILE F 30 -10.76 29.59 -0.05
N GLN F 31 -11.16 30.86 -0.21
CA GLN F 31 -11.86 31.30 -1.42
C GLN F 31 -10.92 31.46 -2.61
N GLY F 32 -9.60 31.37 -2.40
CA GLY F 32 -8.66 31.43 -3.51
C GLY F 32 -8.66 30.21 -4.40
N ILE F 33 -9.18 29.08 -3.91
CA ILE F 33 -9.49 27.99 -4.82
C ILE F 33 -10.83 28.34 -5.46
N THR F 34 -10.77 29.08 -6.56
CA THR F 34 -11.95 29.75 -7.10
C THR F 34 -12.84 28.78 -7.85
N LYS F 35 -14.12 29.14 -7.95
CA LYS F 35 -15.10 28.31 -8.63
C LYS F 35 -14.68 27.87 -10.03
N PRO F 36 -14.17 28.75 -10.91
CA PRO F 36 -13.75 28.26 -12.23
C PRO F 36 -12.57 27.32 -12.12
N ALA F 37 -11.74 27.44 -11.08
CA ALA F 37 -10.63 26.52 -10.92
C ALA F 37 -11.12 25.11 -10.59
N ILE F 38 -12.09 24.99 -9.68
CA ILE F 38 -12.63 23.67 -9.38
C ILE F 38 -13.32 23.12 -10.61
N ARG F 39 -14.02 23.97 -11.36
CA ARG F 39 -14.61 23.53 -12.61
C ARG F 39 -13.55 22.98 -13.56
N ARG F 40 -12.43 23.68 -13.72
CA ARG F 40 -11.38 23.20 -14.62
C ARG F 40 -10.78 21.88 -14.18
N LEU F 41 -10.43 21.77 -12.88
CA LEU F 41 -9.93 20.49 -12.37
C LEU F 41 -10.93 19.36 -12.59
N ALA F 42 -12.21 19.64 -12.37
CA ALA F 42 -13.23 18.62 -12.57
C ALA F 42 -13.37 18.27 -14.05
N ARG F 43 -13.25 19.28 -14.91
CA ARG F 43 -13.27 19.08 -16.35
C ARG F 43 -12.16 18.12 -16.78
N ARG F 44 -10.94 18.30 -16.28
CA ARG F 44 -9.91 17.33 -16.62
C ARG F 44 -10.26 15.93 -16.10
N GLY F 45 -11.07 15.84 -15.04
CA GLY F 45 -11.52 14.55 -14.58
C GLY F 45 -12.61 13.91 -15.39
N GLY F 46 -13.12 14.61 -16.41
CA GLY F 46 -14.06 14.04 -17.34
C GLY F 46 -15.52 14.21 -17.01
N VAL F 47 -15.87 15.06 -16.05
CA VAL F 47 -17.26 15.28 -15.68
C VAL F 47 -17.83 16.36 -16.59
N LYS F 48 -19.10 16.21 -16.95
CA LYS F 48 -19.75 17.16 -17.86
C LYS F 48 -20.55 18.24 -17.13
N ARG F 49 -21.12 17.92 -15.97
CA ARG F 49 -21.94 18.87 -15.24
C ARG F 49 -21.55 18.82 -13.77
N ILE F 50 -21.57 19.98 -13.10
CA ILE F 50 -21.03 20.14 -11.76
C ILE F 50 -22.05 20.85 -10.89
N SER F 51 -22.51 20.18 -9.83
CA SER F 51 -23.49 20.77 -8.94
C SER F 51 -22.89 21.95 -8.17
N GLY F 52 -23.78 22.87 -7.76
CA GLY F 52 -23.33 24.02 -6.98
C GLY F 52 -22.74 23.65 -5.63
N LEU F 53 -23.18 22.52 -5.07
CA LEU F 53 -22.68 22.07 -3.77
C LEU F 53 -21.34 21.35 -3.88
N ILE F 54 -20.85 21.11 -5.09
CA ILE F 54 -19.56 20.42 -5.30
C ILE F 54 -18.42 21.24 -4.72
N TYR F 55 -18.47 22.56 -4.90
CA TYR F 55 -17.31 23.42 -4.62
C TYR F 55 -16.88 23.34 -3.17
N GLU F 56 -17.82 23.48 -2.23
CA GLU F 56 -17.46 23.37 -0.82
C GLU F 56 -16.90 21.99 -0.49
N GLU F 57 -17.46 20.94 -1.10
CA GLU F 57 -16.96 19.60 -0.84
C GLU F 57 -15.52 19.49 -1.29
N THR F 58 -15.22 20.00 -2.48
CA THR F 58 -13.87 19.94 -3.00
C THR F 58 -12.93 20.69 -2.09
N ARG F 59 -13.38 21.84 -1.57
CA ARG F 59 -12.52 22.63 -0.71
C ARG F 59 -12.19 21.85 0.55
N GLY F 60 -13.20 21.21 1.14
CA GLY F 60 -12.95 20.42 2.35
C GLY F 60 -11.99 19.28 2.10
N VAL F 61 -12.21 18.52 1.02
CA VAL F 61 -11.34 17.37 0.73
C VAL F 61 -9.91 17.85 0.53
N LEU F 62 -9.74 18.92 -0.26
CA LEU F 62 -8.39 19.41 -0.51
C LEU F 62 -7.74 19.83 0.79
N LYS F 63 -8.50 20.52 1.66
CA LYS F 63 -7.91 21.00 2.89
C LYS F 63 -7.45 19.84 3.76
N VAL F 64 -8.27 18.79 3.90
CA VAL F 64 -7.84 17.65 4.72
C VAL F 64 -6.58 17.02 4.14
N PHE F 65 -6.57 16.82 2.81
CA PHE F 65 -5.40 16.24 2.15
C PHE F 65 -4.16 17.06 2.49
N LEU F 66 -4.29 18.39 2.34
CA LEU F 66 -3.17 19.28 2.59
C LEU F 66 -2.72 19.16 4.03
N GLU F 67 -3.69 19.06 4.95
CA GLU F 67 -3.35 18.98 6.38
C GLU F 67 -2.44 17.79 6.61
N ASN F 68 -2.79 16.64 6.04
CA ASN F 68 -2.01 15.42 6.25
C ASN F 68 -0.62 15.53 5.60
N VAL F 69 -0.58 16.03 4.37
CA VAL F 69 0.70 16.14 3.67
C VAL F 69 1.60 17.12 4.41
N ILE F 70 1.07 18.29 4.76
CA ILE F 70 1.90 19.34 5.34
C ILE F 70 2.38 18.89 6.72
N ARG F 71 1.52 18.17 7.46
CA ARG F 71 1.93 17.60 8.74
C ARG F 71 3.17 16.75 8.55
N ASP F 72 3.13 15.81 7.61
CA ASP F 72 4.28 14.94 7.41
C ASP F 72 5.51 15.75 6.97
N ALA F 73 5.31 16.69 6.05
CA ALA F 73 6.41 17.49 5.55
C ALA F 73 7.08 18.28 6.67
N VAL F 74 6.28 18.92 7.53
CA VAL F 74 6.85 19.75 8.58
C VAL F 74 7.55 18.86 9.60
N THR F 75 7.01 17.66 9.86
CA THR F 75 7.70 16.75 10.77
C THR F 75 9.10 16.43 10.24
N TYR F 76 9.18 16.10 8.94
CA TYR F 76 10.49 15.83 8.36
C TYR F 76 11.41 17.05 8.45
N THR F 77 10.88 18.24 8.14
CA THR F 77 11.71 19.45 8.20
C THR F 77 12.25 19.66 9.61
N GLU F 78 11.42 19.44 10.62
CA GLU F 78 11.84 19.69 11.99
C GLU F 78 12.85 18.65 12.45
N HIS F 79 12.69 17.39 12.03
CA HIS F 79 13.65 16.37 12.42
C HIS F 79 15.05 16.68 11.89
N ALA F 80 15.13 17.29 10.71
CA ALA F 80 16.42 17.67 10.12
C ALA F 80 16.96 18.98 10.68
N LYS F 81 16.28 19.58 11.66
CA LYS F 81 16.68 20.86 12.24
C LYS F 81 16.75 21.95 11.16
N ARG F 82 15.72 22.00 10.31
CA ARG F 82 15.59 23.01 9.29
C ARG F 82 14.38 23.89 9.58
N LYS F 83 14.38 25.07 8.98
CA LYS F 83 13.28 26.02 9.13
C LYS F 83 12.50 26.24 7.85
N THR F 84 12.93 25.64 6.74
CA THR F 84 12.27 25.80 5.45
C THR F 84 11.87 24.44 4.90
N VAL F 85 10.62 24.31 4.46
CA VAL F 85 10.17 23.08 3.82
C VAL F 85 10.78 22.99 2.44
N THR F 86 11.46 21.87 2.18
CA THR F 86 12.12 21.65 0.90
C THR F 86 11.26 20.76 0.01
N ALA F 87 11.64 20.73 -1.28
CA ALA F 87 10.95 19.85 -2.22
C ALA F 87 11.12 18.38 -1.86
N MET F 88 12.30 18.01 -1.36
CA MET F 88 12.53 16.61 -1.00
C MET F 88 11.65 16.20 0.18
N ASP F 89 11.45 17.09 1.15
CA ASP F 89 10.54 16.82 2.25
C ASP F 89 9.15 16.49 1.72
N VAL F 90 8.68 17.27 0.74
CA VAL F 90 7.36 17.03 0.15
C VAL F 90 7.34 15.69 -0.56
N VAL F 91 8.41 15.38 -1.30
CA VAL F 91 8.48 14.10 -2.00
C VAL F 91 8.37 12.94 -1.01
N TYR F 92 9.07 13.03 0.13
CA TYR F 92 8.94 11.98 1.14
C TYR F 92 7.53 11.91 1.71
N ALA F 93 6.92 13.07 1.99
CA ALA F 93 5.56 13.06 2.52
C ALA F 93 4.61 12.37 1.55
N LEU F 94 4.71 12.71 0.26
CA LEU F 94 3.84 12.10 -0.74
C LEU F 94 4.11 10.61 -0.86
N LYS F 95 5.39 10.21 -0.87
CA LYS F 95 5.73 8.80 -0.96
C LYS F 95 5.13 8.01 0.19
N ARG F 96 5.24 8.54 1.41
CA ARG F 96 4.73 7.79 2.56
C ARG F 96 3.21 7.83 2.60
N GLN F 97 2.60 8.87 2.01
CA GLN F 97 1.16 8.94 1.90
C GLN F 97 0.58 7.87 0.96
N GLY F 98 1.42 7.25 0.14
CA GLY F 98 0.97 6.23 -0.78
C GLY F 98 0.89 6.63 -2.23
N ARG F 99 1.32 7.83 -2.59
CA ARG F 99 1.34 8.29 -3.99
C ARG F 99 2.70 8.92 -4.28
N THR F 100 3.53 8.17 -5.01
CA THR F 100 4.87 8.64 -5.36
C THR F 100 4.79 9.65 -6.51
N LEU F 101 5.46 10.79 -6.33
CA LEU F 101 5.50 11.83 -7.34
C LEU F 101 6.90 11.93 -7.91
N TYR F 102 7.01 11.85 -9.23
CA TYR F 102 8.27 11.94 -9.95
C TYR F 102 8.48 13.34 -10.49
N GLY F 103 9.74 13.79 -10.52
CA GLY F 103 10.09 15.03 -11.17
C GLY F 103 10.68 16.12 -10.28
N PHE F 104 10.78 15.92 -8.97
CA PHE F 104 11.34 16.93 -8.08
C PHE F 104 12.50 16.39 -7.25
N GLY F 105 13.13 15.32 -7.70
CA GLY F 105 14.28 14.74 -7.02
C GLY F 105 13.95 13.42 -6.35
N GLY F 106 15.00 12.74 -5.92
CA GLY F 106 14.87 11.45 -5.26
C GLY F 106 15.02 10.29 -6.22
N LYS G 17 25.59 -10.60 41.67
CA LYS G 17 24.20 -10.44 41.29
C LYS G 17 24.06 -9.65 39.99
N ALA G 18 23.09 -10.03 39.17
CA ALA G 18 22.82 -9.37 37.90
C ALA G 18 21.40 -8.81 37.92
N LYS G 19 21.26 -7.53 37.57
CA LYS G 19 19.97 -6.86 37.54
C LYS G 19 19.79 -6.22 36.18
N THR G 20 18.63 -6.42 35.57
CA THR G 20 18.42 -6.05 34.17
C THR G 20 17.97 -4.60 34.05
N ARG G 21 18.13 -4.05 32.83
CA ARG G 21 17.76 -2.67 32.58
C ARG G 21 16.26 -2.46 32.71
N SER G 22 15.44 -3.44 32.32
CA SER G 22 14.01 -3.33 32.51
C SER G 22 13.66 -3.19 33.98
N SER G 23 14.35 -3.95 34.84
CA SER G 23 14.10 -3.86 36.27
C SER G 23 14.48 -2.49 36.81
N ARG G 24 15.63 -1.95 36.37
CA ARG G 24 16.01 -0.60 36.76
C ARG G 24 15.04 0.44 36.25
N ALA G 25 14.38 0.16 35.12
CA ALA G 25 13.45 1.10 34.51
C ALA G 25 12.00 0.89 34.94
N GLY G 26 11.69 -0.22 35.59
CA GLY G 26 10.31 -0.48 35.98
C GLY G 26 9.39 -0.87 34.84
N LEU G 27 9.93 -1.52 33.81
CA LEU G 27 9.15 -1.96 32.65
C LEU G 27 9.05 -3.48 32.63
N GLN G 28 8.12 -3.97 31.82
CA GLN G 28 7.83 -5.40 31.75
C GLN G 28 8.42 -6.09 30.54
N PHE G 29 8.43 -5.45 29.36
CA PHE G 29 9.07 -6.07 28.22
C PHE G 29 10.59 -6.07 28.39
N PRO G 30 11.27 -7.11 27.89
CA PRO G 30 12.71 -7.27 28.13
C PRO G 30 13.53 -6.36 27.22
N VAL G 31 14.34 -5.51 27.84
CA VAL G 31 15.24 -4.64 27.08
C VAL G 31 16.22 -5.47 26.26
N GLY G 32 16.78 -6.51 26.87
CA GLY G 32 17.73 -7.37 26.14
C GLY G 32 17.15 -8.00 24.89
N ARG G 33 15.94 -8.56 24.99
CA ARG G 33 15.33 -9.21 23.83
C ARG G 33 15.02 -8.22 22.71
N VAL G 34 14.44 -7.07 23.05
CA VAL G 34 14.16 -6.06 22.03
C VAL G 34 15.47 -5.62 21.39
N HIS G 35 16.52 -5.48 22.21
CA HIS G 35 17.83 -5.10 21.70
C HIS G 35 18.35 -6.12 20.71
N ARG G 36 18.24 -7.41 21.03
CA ARG G 36 18.73 -8.43 20.11
C ARG G 36 17.96 -8.43 18.81
N LEU G 37 16.62 -8.29 18.88
CA LEU G 37 15.84 -8.29 17.65
C LEU G 37 16.08 -7.05 16.80
N LEU G 38 16.31 -5.89 17.40
CA LEU G 38 16.68 -4.72 16.61
C LEU G 38 18.07 -4.87 16.00
N ARG G 39 19.04 -5.33 16.79
CA ARG G 39 20.41 -5.49 16.32
C ARG G 39 20.52 -6.51 15.19
N LYS G 40 19.80 -7.62 15.30
CA LYS G 40 20.00 -8.75 14.39
C LYS G 40 19.10 -8.72 13.18
N GLY G 41 18.30 -7.68 13.01
CA GLY G 41 17.45 -7.54 11.84
C GLY G 41 18.13 -6.87 10.66
N ASN G 42 19.42 -6.56 10.77
CA ASN G 42 20.14 -5.83 9.73
C ASN G 42 19.50 -4.46 9.47
N TYR G 43 19.29 -3.71 10.55
CA TYR G 43 18.68 -2.38 10.47
C TYR G 43 19.71 -1.24 10.51
N SER G 44 20.72 -1.33 11.36
CA SER G 44 21.74 -0.28 11.43
C SER G 44 23.00 -0.85 12.04
N GLU G 45 24.12 -0.17 11.76
CA GLU G 45 25.43 -0.66 12.18
C GLU G 45 25.75 -0.35 13.64
N ARG G 46 25.16 0.71 14.21
CA ARG G 46 25.25 0.96 15.64
C ARG G 46 23.85 1.25 16.19
N VAL G 47 23.65 0.91 17.47
CA VAL G 47 22.35 1.04 18.11
C VAL G 47 22.51 1.73 19.46
N GLY G 48 21.70 2.77 19.70
CA GLY G 48 21.77 3.48 20.96
C GLY G 48 21.18 2.69 22.11
N ALA G 49 21.57 3.07 23.33
CA ALA G 49 21.11 2.35 24.51
C ALA G 49 19.67 2.70 24.88
N GLY G 50 19.22 3.92 24.57
CA GLY G 50 17.88 4.32 24.94
C GLY G 50 16.79 3.87 23.98
N ALA G 51 17.15 3.59 22.73
CA ALA G 51 16.15 3.24 21.73
C ALA G 51 15.37 1.97 22.09
N PRO G 52 15.99 0.86 22.48
CA PRO G 52 15.17 -0.32 22.81
C PRO G 52 14.37 -0.14 24.09
N VAL G 53 14.84 0.69 25.02
CA VAL G 53 14.06 0.98 26.22
C VAL G 53 12.80 1.74 25.85
N TYR G 54 12.96 2.78 25.04
CA TYR G 54 11.82 3.56 24.58
C TYR G 54 10.82 2.66 23.85
N LEU G 55 11.33 1.86 22.91
CA LEU G 55 10.48 0.95 22.14
C LEU G 55 9.73 -0.01 23.07
N ALA G 56 10.42 -0.58 24.05
CA ALA G 56 9.72 -1.48 24.96
C ALA G 56 8.63 -0.73 25.70
N ALA G 57 8.89 0.52 26.09
CA ALA G 57 7.86 1.28 26.82
C ALA G 57 6.64 1.53 25.96
N VAL G 58 6.84 1.90 24.68
CA VAL G 58 5.69 2.13 23.82
C VAL G 58 4.91 0.83 23.60
N LEU G 59 5.63 -0.28 23.40
CA LEU G 59 4.96 -1.57 23.22
C LEU G 59 4.15 -1.92 24.45
N GLU G 60 4.69 -1.66 25.64
CA GLU G 60 3.96 -1.88 26.88
C GLU G 60 2.68 -1.06 26.88
N TYR G 61 2.80 0.23 26.58
CA TYR G 61 1.64 1.11 26.59
C TYR G 61 0.53 0.55 25.69
N LEU G 62 0.90 0.16 24.46
CA LEU G 62 -0.10 -0.31 23.51
C LEU G 62 -0.72 -1.63 23.98
N THR G 63 0.11 -2.54 24.50
CA THR G 63 -0.42 -3.79 25.06
C THR G 63 -1.39 -3.52 26.19
N ALA G 64 -1.05 -2.58 27.08
CA ALA G 64 -1.93 -2.28 28.20
C ALA G 64 -3.26 -1.73 27.71
N GLU G 65 -3.22 -0.89 26.68
CA GLU G 65 -4.47 -0.32 26.17
C GLU G 65 -5.34 -1.39 25.52
N ILE G 66 -4.75 -2.22 24.66
CA ILE G 66 -5.51 -3.27 24.00
C ILE G 66 -6.09 -4.26 25.02
N LEU G 67 -5.30 -4.68 26.01
CA LEU G 67 -5.83 -5.60 27.01
C LEU G 67 -6.89 -4.93 27.89
N GLU G 68 -6.74 -3.64 28.18
CA GLU G 68 -7.78 -2.90 28.90
C GLU G 68 -9.11 -2.98 28.16
N LEU G 69 -9.10 -2.58 26.89
CA LEU G 69 -10.35 -2.60 26.12
C LEU G 69 -10.89 -4.02 25.96
N ALA G 70 -10.01 -4.99 25.70
CA ALA G 70 -10.47 -6.35 25.51
C ALA G 70 -11.08 -6.92 26.80
N GLY G 71 -10.48 -6.61 27.95
CA GLY G 71 -11.07 -6.98 29.22
C GLY G 71 -12.44 -6.37 29.43
N ASN G 72 -12.55 -5.07 29.15
CA ASN G 72 -13.86 -4.41 29.22
C ASN G 72 -14.89 -5.13 28.35
N ALA G 73 -14.54 -5.41 27.10
CA ALA G 73 -15.47 -6.09 26.20
C ALA G 73 -15.83 -7.49 26.71
N ALA G 74 -14.85 -8.20 27.28
CA ALA G 74 -15.12 -9.52 27.83
C ALA G 74 -16.09 -9.44 29.00
N ARG G 75 -15.91 -8.44 29.87
CA ARG G 75 -16.81 -8.29 31.02
C ARG G 75 -18.21 -7.91 30.56
N ASP G 76 -18.31 -7.06 29.54
CA ASP G 76 -19.61 -6.76 28.96
C ASP G 76 -20.30 -8.00 28.42
N ASN G 77 -19.51 -8.99 27.99
CA ASN G 77 -20.05 -10.26 27.49
C ASN G 77 -20.17 -11.31 28.59
N LYS G 78 -19.93 -10.93 29.84
CA LYS G 78 -19.97 -11.85 30.99
C LYS G 78 -18.98 -13.00 30.78
N LYS G 79 -17.83 -12.68 30.20
CA LYS G 79 -16.76 -13.64 30.00
C LYS G 79 -15.56 -13.27 30.87
N THR G 80 -14.94 -14.28 31.47
CA THR G 80 -13.75 -14.05 32.30
C THR G 80 -12.45 -14.24 31.53
N ARG G 81 -12.49 -14.83 30.34
CA ARG G 81 -11.32 -15.02 29.51
C ARG G 81 -11.52 -14.30 28.18
N ILE G 82 -10.52 -13.50 27.79
CA ILE G 82 -10.59 -12.80 26.51
C ILE G 82 -10.42 -13.79 25.36
N ILE G 83 -11.25 -13.64 24.34
CA ILE G 83 -11.20 -14.49 23.16
C ILE G 83 -10.93 -13.60 21.95
N PRO G 84 -10.58 -14.16 20.77
CA PRO G 84 -10.35 -13.30 19.59
C PRO G 84 -11.52 -12.38 19.27
N ARG G 85 -12.76 -12.83 19.47
CA ARG G 85 -13.92 -11.98 19.23
C ARG G 85 -13.84 -10.68 20.04
N HIS G 86 -13.46 -10.79 21.32
CA HIS G 86 -13.33 -9.61 22.15
C HIS G 86 -12.20 -8.70 21.66
N LEU G 87 -11.12 -9.29 21.14
CA LEU G 87 -10.04 -8.50 20.58
C LEU G 87 -10.52 -7.73 19.36
N GLN G 88 -11.32 -8.37 18.51
CA GLN G 88 -11.86 -7.69 17.33
C GLN G 88 -12.77 -6.55 17.73
N LEU G 89 -13.65 -6.79 18.71
CA LEU G 89 -14.50 -5.72 19.21
C LEU G 89 -13.68 -4.56 19.74
N ALA G 90 -12.65 -4.85 20.54
CA ALA G 90 -11.81 -3.80 21.09
C ALA G 90 -11.12 -3.00 19.99
N ILE G 91 -10.57 -3.68 19.00
CA ILE G 91 -9.81 -2.96 17.94
C ILE G 91 -10.76 -2.14 17.06
N ARG G 92 -11.94 -2.68 16.74
CA ARG G 92 -12.82 -2.00 15.80
C ARG G 92 -13.67 -0.92 16.46
N ASN G 93 -13.92 -1.03 17.77
CA ASN G 93 -14.71 -0.02 18.46
C ASN G 93 -13.90 1.23 18.79
N ASP G 94 -12.59 1.09 18.98
CA ASP G 94 -11.73 2.22 19.30
C ASP G 94 -11.29 2.89 18.00
N GLU G 95 -11.60 4.19 17.88
CA GLU G 95 -11.32 4.90 16.63
C GLU G 95 -9.83 4.92 16.31
N GLU G 96 -8.98 5.14 17.32
CA GLU G 96 -7.56 5.29 17.03
C GLU G 96 -6.90 3.93 16.81
N LEU G 97 -7.32 2.91 17.56
CA LEU G 97 -6.79 1.57 17.30
C LEU G 97 -7.26 1.08 15.94
N ASN G 98 -8.52 1.35 15.59
CA ASN G 98 -9.03 0.98 14.27
C ASN G 98 -8.26 1.68 13.16
N LYS G 99 -7.92 2.96 13.37
CA LYS G 99 -7.08 3.67 12.39
C LYS G 99 -5.72 3.01 12.27
N LEU G 100 -5.07 2.74 13.42
CA LEU G 100 -3.75 2.12 13.40
C LEU G 100 -3.78 0.76 12.70
N LEU G 101 -4.85 0.00 12.90
CA LEU G 101 -4.98 -1.34 12.33
C LEU G 101 -6.03 -1.39 11.23
N GLY G 102 -6.06 -0.35 10.38
CA GLY G 102 -7.05 -0.27 9.33
C GLY G 102 -6.93 -1.38 8.31
N ARG G 103 -5.71 -1.84 8.03
CA ARG G 103 -5.43 -2.87 7.03
C ARG G 103 -5.05 -4.18 7.69
N VAL G 104 -5.67 -4.50 8.82
CA VAL G 104 -5.34 -5.68 9.62
C VAL G 104 -6.58 -6.56 9.73
N THR G 105 -6.41 -7.85 9.43
CA THR G 105 -7.46 -8.84 9.60
C THR G 105 -7.11 -9.75 10.76
N ILE G 106 -7.97 -9.79 11.77
CA ILE G 106 -7.79 -10.66 12.92
C ILE G 106 -8.60 -11.93 12.70
N ALA G 107 -7.92 -13.07 12.80
CA ALA G 107 -8.60 -14.37 12.62
C ALA G 107 -9.61 -14.60 13.72
N GLN G 108 -10.69 -15.29 13.41
CA GLN G 108 -11.76 -15.61 14.37
C GLN G 108 -12.29 -14.36 15.06
N GLY G 109 -12.19 -13.21 14.41
CA GLY G 109 -12.66 -11.98 15.00
C GLY G 109 -14.10 -11.62 14.65
N GLY G 110 -14.55 -12.04 13.47
CA GLY G 110 -15.86 -11.63 13.02
C GLY G 110 -15.90 -10.14 12.66
N VAL G 111 -17.11 -9.60 12.65
CA VAL G 111 -17.35 -8.20 12.33
C VAL G 111 -18.25 -7.59 13.40
N LEU G 112 -18.31 -6.26 13.40
CA LEU G 112 -19.19 -5.57 14.32
C LEU G 112 -20.65 -5.81 13.94
N PRO G 113 -21.55 -5.99 14.90
CA PRO G 113 -22.97 -6.10 14.57
C PRO G 113 -23.54 -4.76 14.11
N ASN G 114 -23.20 -4.36 12.89
CA ASN G 114 -23.60 -3.08 12.34
C ASN G 114 -24.60 -3.33 11.22
N ILE G 115 -25.78 -2.73 11.33
CA ILE G 115 -26.85 -2.86 10.35
C ILE G 115 -27.18 -1.46 9.84
N GLN G 116 -27.21 -1.30 8.52
CA GLN G 116 -27.55 -0.01 7.93
C GLN G 116 -28.98 0.38 8.29
N ALA G 117 -29.20 1.68 8.51
CA ALA G 117 -30.53 2.16 8.96
C ALA G 117 -31.58 1.96 7.85
N VAL G 118 -31.21 2.12 6.58
CA VAL G 118 -32.21 2.00 5.51
C VAL G 118 -32.71 0.57 5.36
N LEU G 119 -31.94 -0.41 5.83
CA LEU G 119 -32.32 -1.81 5.68
C LEU G 119 -33.28 -2.27 6.78
N LEU G 120 -33.47 -1.47 7.82
CA LEU G 120 -34.37 -1.84 8.90
C LEU G 120 -35.82 -1.75 8.43
N PRO G 121 -36.72 -2.54 9.01
CA PRO G 121 -38.12 -2.48 8.61
C PRO G 121 -38.75 -1.14 8.98
N LYS G 122 -39.88 -0.86 8.33
CA LYS G 122 -40.57 0.41 8.51
C LYS G 122 -41.54 0.33 9.69
N ARG H 35 13.30 -29.46 21.81
CA ARG H 35 14.11 -28.46 22.51
C ARG H 35 14.55 -27.36 21.55
N SER H 36 13.65 -26.99 20.64
CA SER H 36 13.90 -25.93 19.66
C SER H 36 13.45 -24.61 20.27
N ARG H 37 14.41 -23.78 20.69
CA ARG H 37 14.09 -22.51 21.29
C ARG H 37 13.43 -21.58 20.27
N LYS H 38 12.37 -20.89 20.70
CA LYS H 38 11.65 -19.91 19.88
C LYS H 38 11.76 -18.53 20.53
N GLU H 39 11.02 -17.57 20.00
CA GLU H 39 11.02 -16.20 20.47
C GLU H 39 9.58 -15.74 20.65
N SER H 40 9.20 -15.45 21.89
CA SER H 40 7.86 -14.96 22.17
C SER H 40 7.90 -14.05 23.40
N TYR H 41 6.87 -13.21 23.51
CA TYR H 41 6.74 -12.28 24.62
C TYR H 41 5.71 -12.74 25.65
N SER H 42 5.48 -14.05 25.75
CA SER H 42 4.38 -14.58 26.55
C SER H 42 4.46 -14.16 28.01
N ILE H 43 5.63 -14.32 28.61
CA ILE H 43 5.74 -14.02 30.04
C ILE H 43 5.58 -12.52 30.30
N TYR H 44 6.07 -11.68 29.37
CA TYR H 44 5.97 -10.25 29.55
C TYR H 44 4.57 -9.73 29.29
N VAL H 45 3.90 -10.26 28.27
CA VAL H 45 2.49 -9.91 28.06
C VAL H 45 1.68 -10.33 29.26
N TYR H 46 1.98 -11.49 29.84
CA TYR H 46 1.21 -11.94 30.99
C TYR H 46 1.45 -11.02 32.19
N LYS H 47 2.71 -10.58 32.41
CA LYS H 47 2.95 -9.63 33.49
C LYS H 47 2.22 -8.31 33.28
N VAL H 48 2.26 -7.74 32.07
CA VAL H 48 1.54 -6.49 31.84
C VAL H 48 0.03 -6.69 32.07
N LEU H 49 -0.54 -7.79 31.54
CA LEU H 49 -1.94 -8.08 31.77
C LEU H 49 -2.27 -8.15 33.26
N LYS H 50 -1.43 -8.84 34.03
CA LYS H 50 -1.64 -8.91 35.48
C LYS H 50 -1.50 -7.54 36.13
N GLN H 51 -0.67 -6.67 35.57
CA GLN H 51 -0.58 -5.31 36.09
C GLN H 51 -1.88 -4.56 35.87
N VAL H 52 -2.47 -4.70 34.68
CA VAL H 52 -3.66 -3.90 34.35
C VAL H 52 -4.93 -4.61 34.81
N HIS H 53 -4.98 -5.94 34.71
CA HIS H 53 -6.14 -6.73 35.12
C HIS H 53 -5.68 -8.07 35.67
N PRO H 54 -5.44 -8.15 36.99
CA PRO H 54 -4.99 -9.42 37.55
C PRO H 54 -6.13 -10.39 37.84
N ASP H 55 -7.08 -10.48 36.92
CA ASP H 55 -8.21 -11.40 37.04
C ASP H 55 -8.57 -12.10 35.73
N THR H 56 -7.91 -11.78 34.62
CA THR H 56 -8.31 -12.24 33.30
C THR H 56 -7.21 -13.11 32.68
N GLY H 57 -7.62 -14.17 31.99
CA GLY H 57 -6.71 -15.03 31.27
C GLY H 57 -6.65 -14.69 29.79
N ILE H 58 -6.08 -15.61 29.02
CA ILE H 58 -5.90 -15.40 27.59
C ILE H 58 -5.74 -16.76 26.92
N SER H 59 -6.42 -16.92 25.78
CA SER H 59 -6.40 -18.16 25.02
C SER H 59 -5.19 -18.18 24.07
N SER H 60 -4.95 -19.36 23.49
CA SER H 60 -3.84 -19.52 22.57
C SER H 60 -4.02 -18.67 21.31
N LYS H 61 -5.23 -18.68 20.74
CA LYS H 61 -5.48 -17.85 19.56
C LYS H 61 -5.29 -16.37 19.87
N ALA H 62 -5.81 -15.92 21.01
CA ALA H 62 -5.66 -14.52 21.40
C ALA H 62 -4.19 -14.18 21.63
N MET H 63 -3.44 -15.10 22.26
CA MET H 63 -2.02 -14.87 22.46
C MET H 63 -1.27 -14.81 21.13
N GLY H 64 -1.65 -15.65 20.17
CA GLY H 64 -1.06 -15.57 18.85
C GLY H 64 -1.34 -14.24 18.18
N ILE H 65 -2.56 -13.72 18.37
CA ILE H 65 -2.91 -12.43 17.79
C ILE H 65 -2.10 -11.33 18.45
N MET H 66 -1.90 -11.42 19.77
CA MET H 66 -1.08 -10.43 20.46
C MET H 66 0.37 -10.48 20.01
N ASN H 67 0.91 -11.68 19.81
CA ASN H 67 2.28 -11.80 19.33
C ASN H 67 2.44 -11.23 17.92
N SER H 68 1.53 -11.59 17.02
CA SER H 68 1.52 -10.99 15.68
C SER H 68 1.45 -9.47 15.76
N PHE H 69 0.55 -8.94 16.60
CA PHE H 69 0.40 -7.50 16.74
C PHE H 69 1.70 -6.84 17.21
N VAL H 70 2.28 -7.33 18.30
CA VAL H 70 3.50 -6.72 18.83
C VAL H 70 4.63 -6.80 17.81
N ASN H 71 4.82 -7.95 17.17
CA ASN H 71 5.86 -8.07 16.14
C ASN H 71 5.62 -7.09 14.99
N ASP H 72 4.37 -6.97 14.54
CA ASP H 72 4.06 -6.04 13.45
C ASP H 72 4.40 -4.60 13.84
N ILE H 73 3.94 -4.17 15.02
CA ILE H 73 4.23 -2.78 15.49
C ILE H 73 5.75 -2.60 15.54
N PHE H 74 6.45 -3.56 16.16
CA PHE H 74 7.91 -3.48 16.23
C PHE H 74 8.52 -3.26 14.84
N GLU H 75 8.16 -4.12 13.89
CA GLU H 75 8.72 -4.00 12.55
C GLU H 75 8.42 -2.64 11.93
N ARG H 76 7.18 -2.17 12.06
CA ARG H 76 6.81 -0.87 11.49
C ARG H 76 7.64 0.26 12.10
N ILE H 77 7.72 0.31 13.44
CA ILE H 77 8.41 1.43 14.08
C ILE H 77 9.91 1.37 13.81
N ALA H 78 10.51 0.19 13.95
CA ALA H 78 11.94 0.05 13.70
C ALA H 78 12.29 0.40 12.25
N GLY H 79 11.45 -0.03 11.30
CA GLY H 79 11.73 0.26 9.91
C GLY H 79 11.63 1.75 9.60
N GLU H 80 10.59 2.40 10.13
CA GLU H 80 10.46 3.83 9.92
C GLU H 80 11.62 4.59 10.55
N ALA H 81 12.05 4.17 11.75
CA ALA H 81 13.18 4.82 12.39
C ALA H 81 14.46 4.61 11.59
N SER H 82 14.67 3.42 11.05
CA SER H 82 15.83 3.15 10.21
C SER H 82 15.84 4.05 8.98
N ARG H 83 14.72 4.14 8.27
CA ARG H 83 14.68 5.05 7.09
C ARG H 83 14.95 6.48 7.55
N LEU H 84 14.26 6.96 8.59
CA LEU H 84 14.49 8.30 9.09
C LEU H 84 15.99 8.57 9.30
N ALA H 85 16.66 7.64 9.98
CA ALA H 85 18.09 7.79 10.25
C ALA H 85 18.89 7.81 8.96
N HIS H 86 18.57 6.92 8.02
CA HIS H 86 19.30 6.90 6.76
C HIS H 86 19.14 8.22 5.99
N TYR H 87 17.90 8.72 5.88
CA TYR H 87 17.67 9.97 5.16
C TYR H 87 18.49 11.12 5.72
N ASN H 88 18.81 11.14 7.01
CA ASN H 88 19.52 12.35 7.53
C ASN H 88 21.01 12.06 7.68
N LYS H 89 21.50 10.96 7.10
CA LYS H 89 22.92 10.61 7.15
C LYS H 89 23.34 10.24 8.57
N ARG H 90 22.46 9.52 9.27
CA ARG H 90 22.74 9.02 10.61
C ARG H 90 22.90 7.51 10.56
N SER H 91 23.99 7.00 11.12
CA SER H 91 24.28 5.58 11.13
C SER H 91 23.96 4.92 12.46
N THR H 92 23.53 5.68 13.46
CA THR H 92 23.23 5.16 14.78
C THR H 92 21.75 5.37 15.10
N ILE H 93 21.13 4.37 15.70
CA ILE H 93 19.75 4.45 16.14
C ILE H 93 19.73 5.03 17.55
N THR H 94 19.27 6.27 17.69
CA THR H 94 19.13 6.94 18.97
C THR H 94 17.66 7.22 19.24
N SER H 95 17.38 7.83 20.39
CA SER H 95 16.01 8.02 20.83
C SER H 95 15.25 9.10 20.08
N ARG H 96 15.94 10.09 19.48
CA ARG H 96 15.20 11.15 18.78
C ARG H 96 14.53 10.65 17.50
N GLU H 97 15.22 9.85 16.69
CA GLU H 97 14.57 9.25 15.53
C GLU H 97 13.46 8.29 15.93
N ILE H 98 13.67 7.50 16.98
CA ILE H 98 12.61 6.62 17.47
C ILE H 98 11.40 7.44 17.84
N GLN H 99 11.62 8.55 18.54
CA GLN H 99 10.53 9.40 19.01
C GLN H 99 9.78 10.00 17.84
N THR H 100 10.51 10.49 16.83
CA THR H 100 9.86 11.08 15.66
C THR H 100 9.06 10.03 14.90
N ALA H 101 9.61 8.83 14.72
CA ALA H 101 8.86 7.74 14.10
C ALA H 101 7.58 7.42 14.86
N VAL H 102 7.68 7.38 16.20
CA VAL H 102 6.48 7.15 17.02
C VAL H 102 5.46 8.26 16.80
N ARG H 103 5.92 9.49 16.69
CA ARG H 103 5.00 10.61 16.47
C ARG H 103 4.33 10.49 15.10
N LEU H 104 5.07 10.00 14.11
CA LEU H 104 4.48 9.81 12.78
C LEU H 104 3.46 8.68 12.77
N LEU H 105 3.73 7.59 13.49
CA LEU H 105 2.88 6.41 13.36
C LEU H 105 1.70 6.40 14.32
N LEU H 106 1.84 7.00 15.49
CA LEU H 106 0.72 6.90 16.41
C LEU H 106 -0.22 8.09 16.26
N PRO H 107 -1.53 7.90 16.48
CA PRO H 107 -2.47 9.03 16.44
C PRO H 107 -2.23 9.99 17.60
N GLY H 108 -3.02 11.06 17.66
CA GLY H 108 -2.76 12.16 18.59
C GLY H 108 -2.56 11.79 20.04
N GLU H 109 -3.64 11.38 20.72
CA GLU H 109 -3.54 11.11 22.15
C GLU H 109 -2.61 9.95 22.41
N LEU H 110 -2.61 8.95 21.52
CA LEU H 110 -1.70 7.82 21.67
C LEU H 110 -0.25 8.26 21.56
N ALA H 111 0.04 9.16 20.61
CA ALA H 111 1.40 9.67 20.46
C ALA H 111 1.82 10.45 21.69
N LYS H 112 0.95 11.33 22.18
CA LYS H 112 1.30 12.15 23.34
C LYS H 112 1.55 11.29 24.57
N HIS H 113 0.67 10.32 24.82
CA HIS H 113 0.88 9.47 25.99
C HIS H 113 2.12 8.60 25.85
N ALA H 114 2.36 8.04 24.66
CA ALA H 114 3.54 7.23 24.43
C ALA H 114 4.82 8.03 24.59
N VAL H 115 4.89 9.23 24.01
CA VAL H 115 6.08 10.07 24.18
C VAL H 115 6.30 10.43 25.64
N SER H 116 5.22 10.79 26.36
CA SER H 116 5.37 11.12 27.78
C SER H 116 5.91 9.95 28.59
N GLU H 117 5.35 8.75 28.38
CA GLU H 117 5.82 7.57 29.10
C GLU H 117 7.26 7.23 28.73
N GLY H 118 7.59 7.30 27.44
CA GLY H 118 8.95 7.02 27.03
C GLY H 118 9.95 7.98 27.62
N THR H 119 9.62 9.28 27.63
CA THR H 119 10.55 10.26 28.16
C THR H 119 10.76 10.07 29.66
N LYS H 120 9.67 9.93 30.42
CA LYS H 120 9.82 9.67 31.85
C LYS H 120 10.65 8.41 32.10
N ALA H 121 10.38 7.32 31.36
CA ALA H 121 11.12 6.08 31.58
C ALA H 121 12.59 6.22 31.23
N VAL H 122 12.91 6.88 30.12
CA VAL H 122 14.31 7.04 29.73
C VAL H 122 15.04 7.93 30.73
N THR H 123 14.37 8.97 31.24
CA THR H 123 15.01 9.84 32.21
C THR H 123 15.27 9.09 33.52
N LYS H 124 14.32 8.25 33.95
CA LYS H 124 14.54 7.48 35.15
C LYS H 124 15.67 6.47 34.96
N TYR H 125 15.74 5.82 33.79
CA TYR H 125 16.83 4.89 33.56
C TYR H 125 18.18 5.61 33.52
N THR H 126 18.25 6.74 32.82
CA THR H 126 19.53 7.42 32.68
C THR H 126 20.04 7.90 34.04
N SER H 127 19.13 8.41 34.87
CA SER H 127 19.52 8.78 36.23
C SER H 127 19.94 7.56 37.03
N ALA H 128 19.22 6.44 36.89
CA ALA H 128 19.57 5.23 37.61
C ALA H 128 20.81 4.55 37.04
N LYS H 129 21.15 4.86 35.79
CA LYS H 129 22.31 4.28 35.10
C LYS H 129 22.22 2.76 35.01
#